data_7E9D
#
_entry.id   7E9D
#
_cell.length_a   58.911
_cell.length_b   110.779
_cell.length_c   168.564
_cell.angle_alpha   90.000
_cell.angle_beta   90.000
_cell.angle_gamma   90.000
#
_symmetry.space_group_name_H-M   'P 21 21 21'
#
loop_
_entity.id
_entity.type
_entity.pdbx_description
1 polymer IRG1
2 water water
#
_entity_poly.entity_id   1
_entity_poly.type   'polypeptide(L)'
_entity_poly.pdbx_seq_one_letter_code
;MSKQGLTAGLAEAVRTSQPEHSVDAIRKAKKGLLDFTAASFAGREDKGIQKLLRLIEDEGGRPLVPIIGQGKKAAPLQSA
MLNGFIAHALDFDDVHSDVRGAPSAVIVPALIASAARGHDERLLGAYIVGVEVMARLGESIGSRHYEKGWHNTGTLGAIA
AACAVGYAEELTQEELEKAIGFAATQSAGMRVQFGTEMKPLHAGLAAQAGLLAVKLAQSEFGGSRTAFDGETGFFSLYGD
VEKAQHTLLNDWGAPWRIVQPGLWFKIYPFCSAAHHAADAVRQLISEETISAANTERIEVIFPPGGDAALTERSPKTGEE
GRFSVEYVIALALHGHGLTVEHFSSQPIPNGIQTTIGHIQRVYDNATQPAPHAVPKGRFTIVRAYLSDGRICEARVDCPK
GAPGNELSEEDIIEKLTLTVPQEKARRIITAVEKADIKEFLAHIELEHHHHHH
;
_entity_poly.pdbx_strand_id   A,B
#
# COMPACT_ATOMS: atom_id res chain seq x y z
N GLN A 4 -1.89 -20.92 19.46
CA GLN A 4 -2.49 -19.82 18.72
C GLN A 4 -1.44 -18.77 18.35
N GLY A 5 -1.38 -18.43 17.06
CA GLY A 5 -0.45 -17.42 16.59
C GLY A 5 -0.95 -16.00 16.86
N LEU A 6 -0.14 -15.04 16.42
CA LEU A 6 -0.45 -13.63 16.64
C LEU A 6 -1.66 -13.20 15.82
N THR A 7 -1.79 -13.70 14.59
CA THR A 7 -2.93 -13.31 13.76
C THR A 7 -4.24 -13.76 14.39
N ALA A 8 -4.33 -15.04 14.76
CA ALA A 8 -5.54 -15.53 15.39
C ALA A 8 -5.78 -14.84 16.73
N GLY A 9 -4.71 -14.55 17.47
CA GLY A 9 -4.86 -13.90 18.76
C GLY A 9 -5.43 -12.50 18.65
N LEU A 10 -4.98 -11.73 17.66
CA LEU A 10 -5.52 -10.38 17.50
C LEU A 10 -6.96 -10.44 16.99
N ALA A 11 -7.23 -11.33 16.03
CA ALA A 11 -8.60 -11.48 15.55
C ALA A 11 -9.55 -11.83 16.68
N GLU A 12 -9.15 -12.76 17.55
CA GLU A 12 -10.00 -13.13 18.67
C GLU A 12 -10.16 -11.98 19.65
N ALA A 13 -9.07 -11.28 19.97
CA ALA A 13 -9.14 -10.15 20.89
C ALA A 13 -10.10 -9.08 20.36
N VAL A 14 -9.98 -8.73 19.08
CA VAL A 14 -10.92 -7.79 18.47
C VAL A 14 -12.34 -8.33 18.54
N ARG A 15 -12.54 -9.56 18.05
CA ARG A 15 -13.88 -10.12 17.92
C ARG A 15 -14.62 -10.13 19.25
N THR A 16 -13.95 -10.51 20.33
CA THR A 16 -14.59 -10.71 21.63
C THR A 16 -14.51 -9.48 22.54
N SER A 17 -14.11 -8.34 22.00
CA SER A 17 -13.99 -7.12 22.80
C SER A 17 -15.35 -6.66 23.29
N GLN A 18 -15.38 -6.10 24.50
CA GLN A 18 -16.59 -5.51 25.07
C GLN A 18 -16.32 -4.08 25.51
N PRO A 19 -15.99 -3.19 24.56
CA PRO A 19 -15.68 -1.81 24.94
C PRO A 19 -16.84 -1.07 25.60
N GLU A 20 -18.08 -1.44 25.29
CA GLU A 20 -19.24 -0.74 25.87
C GLU A 20 -19.24 -0.84 27.39
N HIS A 21 -18.66 -1.89 27.96
CA HIS A 21 -18.62 -2.04 29.40
C HIS A 21 -17.77 -0.99 30.10
N SER A 22 -17.00 -0.19 29.36
CA SER A 22 -16.14 0.82 29.96
C SER A 22 -16.79 2.19 29.75
N VAL A 23 -17.32 2.76 30.83
CA VAL A 23 -17.92 4.10 30.75
C VAL A 23 -16.88 5.13 30.34
N ASP A 24 -15.67 5.02 30.87
CA ASP A 24 -14.62 5.98 30.53
C ASP A 24 -14.23 5.89 29.06
N ALA A 25 -14.21 4.68 28.50
CA ALA A 25 -13.83 4.54 27.09
C ALA A 25 -14.91 5.09 26.17
N ILE A 26 -16.18 4.80 26.48
CA ILE A 26 -17.28 5.37 25.70
C ILE A 26 -17.25 6.89 25.75
N ARG A 27 -17.01 7.45 26.94
CA ARG A 27 -16.92 8.91 27.04
C ARG A 27 -15.79 9.45 26.19
N LYS A 28 -14.64 8.80 26.22
CA LYS A 28 -13.50 9.28 25.45
C LYS A 28 -13.74 9.15 23.95
N ALA A 29 -14.44 8.09 23.53
CA ALA A 29 -14.76 7.94 22.11
C ALA A 29 -15.70 9.05 21.64
N LYS A 30 -16.67 9.42 22.49
CA LYS A 30 -17.56 10.52 22.13
C LYS A 30 -16.79 11.82 21.99
N LYS A 31 -15.86 12.09 22.91
CA LYS A 31 -15.04 13.29 22.80
C LYS A 31 -14.14 13.20 21.57
N GLY A 32 -13.65 12.00 21.26
CA GLY A 32 -12.81 11.84 20.07
C GLY A 32 -13.55 12.11 18.79
N LEU A 33 -14.81 11.67 18.69
CA LEU A 33 -15.59 11.96 17.49
C LEU A 33 -15.74 13.46 17.31
N LEU A 34 -15.91 14.18 18.41
CA LEU A 34 -16.12 15.61 18.36
C LEU A 34 -14.84 16.33 17.97
N ASP A 35 -13.70 15.89 18.49
CA ASP A 35 -12.44 16.51 18.13
C ASP A 35 -12.09 16.24 16.67
N PHE A 36 -12.27 14.99 16.23
CA PHE A 36 -12.08 14.64 14.83
C PHE A 36 -12.95 15.51 13.94
N THR A 37 -14.23 15.69 14.31
CA THR A 37 -15.13 16.54 13.54
C THR A 37 -14.62 17.99 13.50
N ALA A 38 -14.23 18.52 14.65
CA ALA A 38 -13.74 19.89 14.70
C ALA A 38 -12.47 20.06 13.87
N ALA A 39 -11.57 19.08 13.95
CA ALA A 39 -10.35 19.17 13.14
C ALA A 39 -10.67 19.13 11.65
N SER A 40 -11.59 18.24 11.26
CA SER A 40 -11.95 18.12 9.85
C SER A 40 -12.61 19.40 9.35
N PHE A 41 -13.57 19.94 10.11
CA PHE A 41 -14.21 21.20 9.76
C PHE A 41 -13.19 22.31 9.57
N ALA A 42 -12.23 22.40 10.51
CA ALA A 42 -11.27 23.50 10.46
C ALA A 42 -10.46 23.48 9.17
N GLY A 43 -10.29 22.33 8.54
CA GLY A 43 -9.56 22.26 7.30
C GLY A 43 -10.40 22.31 6.05
N ARG A 44 -11.68 22.67 6.16
CA ARG A 44 -12.61 22.52 5.04
C ARG A 44 -12.20 23.34 3.82
N GLU A 45 -11.39 24.38 3.98
CA GLU A 45 -10.94 25.22 2.88
C GLU A 45 -9.61 24.78 2.28
N ASP A 46 -9.03 23.69 2.77
CA ASP A 46 -7.71 23.30 2.28
C ASP A 46 -7.79 22.98 0.80
N LYS A 47 -6.87 23.52 0.03
CA LYS A 47 -6.92 23.31 -1.41
C LYS A 47 -6.51 21.89 -1.81
N GLY A 48 -5.92 21.10 -0.94
CA GLY A 48 -5.71 19.71 -1.30
C GLY A 48 -7.01 18.94 -1.40
N ILE A 49 -8.02 19.37 -0.65
CA ILE A 49 -9.31 18.68 -0.68
C ILE A 49 -9.95 18.75 -2.07
N GLN A 50 -9.92 19.93 -2.70
CA GLN A 50 -10.58 20.01 -4.02
C GLN A 50 -9.79 19.26 -5.08
N LYS A 51 -8.47 19.15 -4.92
CA LYS A 51 -7.70 18.29 -5.83
C LYS A 51 -8.23 16.86 -5.76
N LEU A 52 -8.45 16.35 -4.53
CA LEU A 52 -8.91 14.99 -4.37
C LEU A 52 -10.37 14.85 -4.80
N LEU A 53 -11.19 15.87 -4.55
CA LEU A 53 -12.59 15.79 -4.99
C LEU A 53 -12.68 15.70 -6.50
N ARG A 54 -11.87 16.49 -7.22
CA ARG A 54 -11.90 16.40 -8.68
C ARG A 54 -11.45 15.03 -9.15
N LEU A 55 -10.50 14.41 -8.45
CA LEU A 55 -10.06 13.07 -8.81
C LEU A 55 -11.18 12.06 -8.65
N ILE A 56 -11.87 12.06 -7.50
CA ILE A 56 -12.90 11.03 -7.33
C ILE A 56 -14.14 11.34 -8.14
N GLU A 57 -14.40 12.60 -8.46
CA GLU A 57 -15.54 12.89 -9.32
C GLU A 57 -15.27 12.43 -10.76
N ASP A 58 -14.03 12.51 -11.22
CA ASP A 58 -13.66 11.93 -12.51
C ASP A 58 -13.81 10.42 -12.52
N GLU A 59 -13.57 9.75 -11.38
CA GLU A 59 -13.75 8.30 -11.29
C GLU A 59 -15.22 7.93 -11.16
N GLY A 60 -16.01 8.76 -10.48
CA GLY A 60 -17.38 8.43 -10.18
C GLY A 60 -17.51 7.52 -8.97
N GLY A 61 -18.76 7.28 -8.59
CA GLY A 61 -19.09 6.47 -7.44
C GLY A 61 -20.46 6.80 -6.93
N ARG A 62 -21.02 5.86 -6.18
CA ARG A 62 -22.34 6.08 -5.59
C ARG A 62 -22.25 7.05 -4.42
N PRO A 63 -23.11 8.04 -4.35
CA PRO A 63 -23.07 9.04 -3.25
C PRO A 63 -23.68 8.48 -1.97
N LEU A 64 -22.89 7.66 -1.27
CA LEU A 64 -23.35 6.91 -0.11
C LEU A 64 -22.83 7.44 1.22
N VAL A 65 -21.67 8.11 1.23
CA VAL A 65 -21.02 8.48 2.48
C VAL A 65 -20.67 9.96 2.47
N PRO A 66 -20.96 10.72 3.52
CA PRO A 66 -20.61 12.14 3.52
C PRO A 66 -19.11 12.34 3.43
N ILE A 67 -18.72 13.36 2.65
CA ILE A 67 -17.37 13.91 2.69
C ILE A 67 -17.41 15.05 3.70
N ILE A 68 -16.67 14.88 4.81
CA ILE A 68 -16.84 15.74 5.98
C ILE A 68 -16.63 17.20 5.62
N GLY A 69 -17.60 18.04 5.96
CA GLY A 69 -17.48 19.47 5.77
C GLY A 69 -17.61 19.94 4.34
N GLN A 70 -17.80 19.05 3.38
CA GLN A 70 -17.75 19.42 1.97
C GLN A 70 -19.11 19.44 1.28
N GLY A 71 -20.17 19.02 1.97
CA GLY A 71 -21.50 19.15 1.41
C GLY A 71 -21.82 18.21 0.28
N LYS A 72 -21.21 17.03 0.24
CA LYS A 72 -21.59 16.02 -0.74
C LYS A 72 -21.20 14.65 -0.23
N LYS A 73 -21.60 13.62 -0.97
CA LYS A 73 -21.32 12.24 -0.60
C LYS A 73 -20.52 11.57 -1.71
N ALA A 74 -19.90 10.45 -1.38
CA ALA A 74 -19.13 9.69 -2.35
C ALA A 74 -19.19 8.22 -1.97
N ALA A 75 -18.51 7.38 -2.75
CA ALA A 75 -18.53 5.95 -2.48
C ALA A 75 -17.74 5.64 -1.21
N PRO A 76 -18.06 4.53 -0.54
CA PRO A 76 -17.41 4.26 0.76
C PRO A 76 -15.90 4.30 0.73
N LEU A 77 -15.26 3.60 -0.22
CA LEU A 77 -13.80 3.56 -0.27
C LEU A 77 -13.21 4.92 -0.60
N GLN A 78 -13.89 5.68 -1.48
CA GLN A 78 -13.46 7.05 -1.79
C GLN A 78 -13.57 7.95 -0.57
N SER A 79 -14.66 7.83 0.17
CA SER A 79 -14.87 8.69 1.32
C SER A 79 -13.82 8.45 2.39
N ALA A 80 -13.41 7.20 2.56
CA ALA A 80 -12.34 6.91 3.52
C ALA A 80 -11.06 7.63 3.15
N MET A 81 -10.70 7.62 1.87
CA MET A 81 -9.50 8.33 1.44
C MET A 81 -9.64 9.84 1.64
N LEU A 82 -10.79 10.40 1.24
CA LEU A 82 -10.99 11.83 1.38
C LEU A 82 -11.06 12.24 2.85
N ASN A 83 -11.85 11.52 3.65
CA ASN A 83 -12.06 11.96 5.02
C ASN A 83 -10.81 11.82 5.87
N GLY A 84 -9.97 10.81 5.58
CA GLY A 84 -8.70 10.71 6.27
C GLY A 84 -7.79 11.89 5.98
N PHE A 85 -7.70 12.29 4.70
CA PHE A 85 -6.93 13.47 4.35
C PHE A 85 -7.47 14.71 5.04
N ILE A 86 -8.79 14.90 4.97
CA ILE A 86 -9.42 16.11 5.53
C ILE A 86 -9.07 16.23 7.02
N ALA A 87 -9.19 15.13 7.75
CA ALA A 87 -8.99 15.16 9.20
C ALA A 87 -7.54 15.46 9.57
N HIS A 88 -6.58 15.08 8.73
CA HIS A 88 -5.17 15.21 9.09
C HIS A 88 -4.49 16.38 8.40
N ALA A 89 -5.18 17.08 7.49
CA ALA A 89 -4.51 18.05 6.62
C ALA A 89 -3.84 19.19 7.39
N LEU A 90 -4.38 19.57 8.55
CA LEU A 90 -3.90 20.73 9.29
C LEU A 90 -2.97 20.39 10.44
N ASP A 91 -2.68 19.11 10.69
CA ASP A 91 -1.97 18.70 11.89
C ASP A 91 -2.68 19.20 13.15
N PHE A 92 -4.01 19.20 13.10
CA PHE A 92 -4.87 19.66 14.18
C PHE A 92 -5.60 18.49 14.84
N ASP A 93 -5.41 17.30 14.31
CA ASP A 93 -6.10 16.10 14.77
C ASP A 93 -5.30 15.41 15.88
N ASP A 94 -5.89 14.37 16.46
CA ASP A 94 -5.45 13.90 17.76
C ASP A 94 -4.18 13.07 17.63
N VAL A 95 -3.53 12.85 18.78
CA VAL A 95 -2.31 12.06 18.84
C VAL A 95 -2.40 11.10 20.03
N HIS A 96 -1.50 10.12 20.03
CA HIS A 96 -1.46 9.03 21.01
C HIS A 96 -0.03 8.56 21.19
N SER A 97 0.42 8.50 22.45
CA SER A 97 1.83 8.17 22.74
C SER A 97 2.22 6.78 22.26
N ASP A 98 1.29 5.81 22.25
CA ASP A 98 1.65 4.50 21.72
C ASP A 98 1.63 4.47 20.20
N VAL A 99 0.69 5.20 19.59
CA VAL A 99 0.49 5.13 18.15
C VAL A 99 1.67 5.76 17.40
N ARG A 100 2.17 6.90 17.91
CA ARG A 100 3.11 7.74 17.17
C ARG A 100 2.60 8.00 15.76
N GLY A 101 1.36 8.47 15.68
CA GLY A 101 0.69 8.63 14.41
C GLY A 101 -0.61 9.41 14.58
N ALA A 102 -1.53 9.21 13.63
CA ALA A 102 -2.79 9.93 13.56
C ALA A 102 -3.93 8.93 13.70
N PRO A 103 -4.24 8.50 14.93
CA PRO A 103 -5.17 7.38 15.10
C PRO A 103 -6.59 7.66 14.61
N SER A 104 -7.22 8.74 15.07
CA SER A 104 -8.60 9.01 14.68
C SER A 104 -8.71 9.39 13.20
N ALA A 105 -7.70 10.05 12.64
CA ALA A 105 -7.74 10.39 11.22
C ALA A 105 -7.78 9.15 10.33
N VAL A 106 -7.27 8.02 10.81
CA VAL A 106 -7.36 6.77 10.07
C VAL A 106 -8.64 6.02 10.42
N ILE A 107 -8.93 5.90 11.72
CA ILE A 107 -9.96 4.97 12.16
C ILE A 107 -11.36 5.51 11.89
N VAL A 108 -11.60 6.78 12.19
CA VAL A 108 -12.95 7.32 12.13
C VAL A 108 -13.44 7.38 10.69
N PRO A 109 -12.63 7.77 9.70
CA PRO A 109 -13.13 7.71 8.30
C PRO A 109 -13.57 6.32 7.88
N ALA A 110 -12.84 5.29 8.28
CA ALA A 110 -13.26 3.94 7.96
C ALA A 110 -14.61 3.63 8.61
N LEU A 111 -14.80 4.04 9.87
CA LEU A 111 -16.03 3.73 10.60
C LEU A 111 -17.21 4.56 10.09
N ILE A 112 -16.97 5.80 9.65
CA ILE A 112 -18.02 6.60 9.04
C ILE A 112 -18.55 5.92 7.78
N ALA A 113 -17.65 5.35 6.96
CA ALA A 113 -18.09 4.63 5.77
C ALA A 113 -18.88 3.39 6.14
N SER A 114 -18.42 2.66 7.16
CA SER A 114 -19.17 1.50 7.64
C SER A 114 -20.52 1.91 8.24
N ALA A 115 -20.52 2.95 9.09
CA ALA A 115 -21.75 3.33 9.77
C ALA A 115 -22.79 3.88 8.81
N ALA A 116 -22.36 4.56 7.75
CA ALA A 116 -23.29 5.04 6.74
C ALA A 116 -24.04 3.92 6.04
N ARG A 117 -23.52 2.68 6.11
CA ARG A 117 -24.16 1.53 5.52
C ARG A 117 -24.79 0.60 6.56
N GLY A 118 -24.92 1.02 7.81
CA GLY A 118 -25.48 0.20 8.86
C GLY A 118 -24.49 -0.03 9.99
N HIS A 119 -24.92 -0.83 10.97
CA HIS A 119 -24.13 -1.10 12.19
C HIS A 119 -23.65 0.19 12.86
N ASP A 120 -24.36 1.31 12.64
CA ASP A 120 -23.97 2.55 13.29
C ASP A 120 -24.00 2.45 14.82
N GLU A 121 -24.76 1.50 15.38
CA GLU A 121 -24.78 1.38 16.83
C GLU A 121 -23.51 0.77 17.39
N ARG A 122 -22.65 0.21 16.55
CA ARG A 122 -21.38 -0.34 17.00
C ARG A 122 -20.20 0.58 16.71
N LEU A 123 -20.46 1.80 16.21
CA LEU A 123 -19.38 2.70 15.85
C LEU A 123 -18.51 3.06 17.04
N LEU A 124 -19.12 3.39 18.18
CA LEU A 124 -18.32 3.87 19.30
C LEU A 124 -17.43 2.77 19.87
N GLY A 125 -17.98 1.56 20.03
CA GLY A 125 -17.15 0.44 20.44
C GLY A 125 -16.04 0.13 19.44
N ALA A 126 -16.36 0.20 18.15
CA ALA A 126 -15.38 -0.08 17.11
C ALA A 126 -14.24 0.93 17.13
N TYR A 127 -14.57 2.17 17.46
CA TYR A 127 -13.59 3.24 17.59
C TYR A 127 -12.61 2.94 18.73
N ILE A 128 -13.15 2.57 19.89
CA ILE A 128 -12.31 2.16 21.02
C ILE A 128 -11.39 1.01 20.60
N VAL A 129 -11.96 0.02 19.90
CA VAL A 129 -11.19 -1.15 19.50
C VAL A 129 -10.15 -0.79 18.45
N GLY A 130 -10.50 0.10 17.51
CA GLY A 130 -9.51 0.53 16.53
C GLY A 130 -8.33 1.24 17.18
N VAL A 131 -8.62 2.11 18.16
CA VAL A 131 -7.53 2.77 18.87
C VAL A 131 -6.69 1.77 19.64
N GLU A 132 -7.34 0.77 20.26
CA GLU A 132 -6.60 -0.29 20.93
C GLU A 132 -5.61 -0.97 20.00
N VAL A 133 -6.05 -1.30 18.78
CA VAL A 133 -5.17 -1.99 17.82
C VAL A 133 -4.01 -1.09 17.41
N MET A 134 -4.30 0.15 17.03
CA MET A 134 -3.23 1.00 16.51
C MET A 134 -2.22 1.35 17.61
N ALA A 135 -2.69 1.54 18.85
CA ALA A 135 -1.75 1.77 19.95
C ALA A 135 -0.86 0.55 20.17
N ARG A 136 -1.46 -0.64 20.15
CA ARG A 136 -0.67 -1.85 20.37
C ARG A 136 0.27 -2.12 19.20
N LEU A 137 -0.16 -1.82 17.98
CA LEU A 137 0.77 -1.96 16.86
C LEU A 137 1.95 -1.01 17.02
N GLY A 138 1.68 0.24 17.38
CA GLY A 138 2.76 1.20 17.58
C GLY A 138 3.72 0.77 18.66
N GLU A 139 3.19 0.18 19.74
CA GLU A 139 4.05 -0.36 20.79
C GLU A 139 4.82 -1.59 20.33
N SER A 140 4.18 -2.46 19.53
CA SER A 140 4.74 -3.76 19.20
C SER A 140 5.71 -3.73 18.03
N ILE A 141 5.57 -2.76 17.13
CA ILE A 141 6.35 -2.82 15.91
C ILE A 141 7.83 -2.57 16.17
N GLY A 142 8.17 -1.81 17.21
CA GLY A 142 9.56 -1.56 17.53
C GLY A 142 10.02 -0.20 17.05
N SER A 143 10.98 0.39 17.76
CA SER A 143 11.41 1.75 17.46
C SER A 143 12.12 1.87 16.12
N ARG A 144 12.70 0.79 15.58
CA ARG A 144 13.43 0.90 14.32
C ARG A 144 12.51 1.13 13.13
N HIS A 145 11.23 0.76 13.24
CA HIS A 145 10.26 0.93 12.17
C HIS A 145 10.18 2.38 11.72
N TYR A 146 9.89 3.28 12.68
CA TYR A 146 9.85 4.70 12.38
C TYR A 146 11.24 5.23 12.01
N GLU A 147 12.28 4.74 12.69
CA GLU A 147 13.62 5.27 12.46
C GLU A 147 14.14 4.92 11.07
N LYS A 148 13.81 3.72 10.57
CA LYS A 148 14.22 3.36 9.21
C LYS A 148 13.52 4.20 8.15
N GLY A 149 12.40 4.83 8.48
CA GLY A 149 11.71 5.68 7.52
C GLY A 149 10.25 5.35 7.23
N TRP A 150 9.66 4.40 7.96
CA TRP A 150 8.24 4.13 7.77
C TRP A 150 7.38 5.08 8.58
N HIS A 151 6.20 5.39 8.04
CA HIS A 151 5.25 6.33 8.65
C HIS A 151 4.13 5.53 9.30
N ASN A 152 4.12 5.46 10.65
CA ASN A 152 3.16 4.65 11.40
C ASN A 152 1.72 4.86 10.94
N THR A 153 1.34 6.12 10.71
CA THR A 153 -0.04 6.39 10.30
C THR A 153 -0.46 5.54 9.10
N GLY A 154 0.42 5.43 8.10
CA GLY A 154 0.18 4.57 6.95
C GLY A 154 0.41 3.09 7.21
N THR A 155 1.53 2.74 7.83
CA THR A 155 1.90 1.32 7.90
C THR A 155 1.08 0.56 8.94
N LEU A 156 0.67 1.21 10.03
CA LEU A 156 -0.14 0.53 11.03
C LEU A 156 -1.62 0.90 10.93
N GLY A 157 -1.94 1.99 10.22
CA GLY A 157 -3.31 2.45 10.17
C GLY A 157 -4.25 1.51 9.44
N ALA A 158 -3.76 0.86 8.38
CA ALA A 158 -4.64 -0.01 7.61
C ALA A 158 -5.12 -1.20 8.44
N ILE A 159 -4.21 -1.84 9.18
CA ILE A 159 -4.61 -2.95 10.05
C ILE A 159 -5.57 -2.47 11.12
N ALA A 160 -5.32 -1.30 11.71
CA ALA A 160 -6.20 -0.81 12.76
C ALA A 160 -7.59 -0.49 12.21
N ALA A 161 -7.65 0.12 11.03
CA ALA A 161 -8.94 0.43 10.41
C ALA A 161 -9.70 -0.86 10.09
N ALA A 162 -9.00 -1.87 9.58
CA ALA A 162 -9.64 -3.15 9.27
C ALA A 162 -10.20 -3.79 10.54
N CYS A 163 -9.46 -3.71 11.64
CA CYS A 163 -9.95 -4.30 12.88
C CYS A 163 -11.16 -3.54 13.41
N ALA A 164 -11.14 -2.21 13.33
CA ALA A 164 -12.28 -1.41 13.78
C ALA A 164 -13.53 -1.71 12.97
N VAL A 165 -13.42 -1.66 11.64
CA VAL A 165 -14.57 -2.01 10.80
C VAL A 165 -14.96 -3.47 11.02
N GLY A 166 -13.97 -4.34 11.21
CA GLY A 166 -14.27 -5.76 11.43
C GLY A 166 -15.09 -5.98 12.70
N TYR A 167 -14.81 -5.21 13.74
CA TYR A 167 -15.63 -5.24 14.94
C TYR A 167 -17.03 -4.70 14.66
N ALA A 168 -17.11 -3.53 14.03
CA ALA A 168 -18.39 -2.89 13.76
C ALA A 168 -19.32 -3.81 13.00
N GLU A 169 -18.81 -4.47 11.97
CA GLU A 169 -19.63 -5.30 11.10
C GLU A 169 -19.64 -6.77 11.52
N GLU A 170 -19.10 -7.08 12.71
CA GLU A 170 -19.24 -8.41 13.33
C GLU A 170 -18.69 -9.52 12.44
N LEU A 171 -17.50 -9.28 11.88
CA LEU A 171 -16.81 -10.32 11.14
C LEU A 171 -16.55 -11.55 12.03
N THR A 172 -16.58 -12.72 11.41
CA THR A 172 -16.23 -13.96 12.10
C THR A 172 -14.73 -14.01 12.36
N GLN A 173 -14.33 -15.00 13.17
CA GLN A 173 -12.92 -15.22 13.45
C GLN A 173 -12.11 -15.39 12.15
N GLU A 174 -12.60 -16.24 11.25
CA GLU A 174 -11.89 -16.47 10.00
C GLU A 174 -11.83 -15.20 9.15
N GLU A 175 -12.96 -14.48 9.04
CA GLU A 175 -12.99 -13.27 8.24
C GLU A 175 -12.03 -12.21 8.79
N LEU A 176 -11.97 -12.08 10.12
CA LEU A 176 -11.10 -11.09 10.73
C LEU A 176 -9.63 -11.44 10.51
N GLU A 177 -9.29 -12.73 10.63
CA GLU A 177 -7.91 -13.16 10.33
C GLU A 177 -7.52 -12.79 8.89
N LYS A 178 -8.42 -13.03 7.94
CA LYS A 178 -8.12 -12.68 6.55
C LYS A 178 -8.03 -11.17 6.36
N ALA A 179 -8.97 -10.41 6.94
CA ALA A 179 -8.94 -8.96 6.80
C ALA A 179 -7.67 -8.36 7.40
N ILE A 180 -7.20 -8.90 8.53
CA ILE A 180 -5.92 -8.44 9.08
C ILE A 180 -4.84 -8.62 8.03
N GLY A 181 -4.81 -9.78 7.36
CA GLY A 181 -3.81 -10.01 6.33
C GLY A 181 -4.02 -9.20 5.06
N PHE A 182 -5.28 -8.95 4.67
CA PHE A 182 -5.53 -8.07 3.53
C PHE A 182 -5.06 -6.65 3.80
N ALA A 183 -5.18 -6.21 5.05
CA ALA A 183 -4.69 -4.89 5.42
C ALA A 183 -3.17 -4.88 5.46
N ALA A 184 -2.57 -5.89 6.09
CA ALA A 184 -1.12 -5.95 6.22
C ALA A 184 -0.45 -5.97 4.85
N THR A 185 -1.02 -6.70 3.89
CA THR A 185 -0.38 -6.82 2.60
C THR A 185 -0.50 -5.54 1.76
N GLN A 186 -1.24 -4.55 2.25
CA GLN A 186 -1.30 -3.23 1.63
C GLN A 186 -0.57 -2.16 2.45
N SER A 187 0.00 -2.50 3.58
CA SER A 187 0.50 -1.50 4.50
C SER A 187 1.77 -0.86 3.97
N ALA A 188 1.81 0.47 3.99
CA ALA A 188 2.87 1.23 3.36
C ALA A 188 2.85 2.65 3.90
N GLY A 189 3.87 3.42 3.52
CA GLY A 189 3.89 4.82 3.88
C GLY A 189 5.28 5.26 4.34
N MET A 190 5.83 6.27 3.66
CA MET A 190 7.22 6.66 3.90
C MET A 190 7.29 8.05 4.49
N ARG A 191 8.15 8.23 5.50
CA ARG A 191 8.32 9.53 6.14
C ARG A 191 8.97 10.56 5.22
N VAL A 192 9.52 10.14 4.08
CA VAL A 192 10.00 11.11 3.11
C VAL A 192 8.91 12.07 2.66
N GLN A 193 7.64 11.69 2.84
CA GLN A 193 6.52 12.53 2.45
C GLN A 193 6.16 13.61 3.47
N PHE A 194 6.81 13.61 4.63
CA PHE A 194 6.55 14.66 5.62
C PHE A 194 6.81 16.03 5.00
N GLY A 195 6.05 17.03 5.46
CA GLY A 195 6.13 18.36 4.92
C GLY A 195 5.34 18.58 3.66
N THR A 196 4.64 17.56 3.16
CA THR A 196 3.84 17.65 1.95
C THR A 196 2.44 17.16 2.26
N GLU A 197 1.51 17.45 1.36
CA GLU A 197 0.15 16.99 1.62
C GLU A 197 -0.01 15.50 1.35
N MET A 198 1.03 14.81 0.89
CA MET A 198 0.96 13.35 0.85
C MET A 198 0.97 12.76 2.25
N LYS A 199 1.60 13.45 3.21
CA LYS A 199 1.59 12.94 4.58
C LYS A 199 0.19 12.78 5.13
N PRO A 200 -0.70 13.79 5.07
CA PRO A 200 -2.09 13.54 5.49
C PRO A 200 -2.83 12.55 4.61
N LEU A 201 -2.52 12.49 3.30
CA LEU A 201 -3.19 11.51 2.46
C LEU A 201 -2.91 10.07 2.92
N HIS A 202 -1.76 9.83 3.56
CA HIS A 202 -1.49 8.51 4.11
C HIS A 202 -2.61 8.06 5.05
N ALA A 203 -3.13 8.97 5.87
CA ALA A 203 -4.23 8.61 6.77
C ALA A 203 -5.44 8.11 5.99
N GLY A 204 -5.80 8.82 4.92
CA GLY A 204 -6.93 8.38 4.10
C GLY A 204 -6.65 7.09 3.35
N LEU A 205 -5.42 6.91 2.84
CA LEU A 205 -5.12 5.66 2.13
C LEU A 205 -5.13 4.47 3.06
N ALA A 206 -4.73 4.66 4.31
CA ALA A 206 -4.79 3.59 5.29
C ALA A 206 -6.23 3.23 5.61
N ALA A 207 -7.06 4.24 5.87
CA ALA A 207 -8.48 3.99 6.12
C ALA A 207 -9.11 3.23 4.96
N GLN A 208 -8.80 3.66 3.74
CA GLN A 208 -9.36 3.01 2.56
C GLN A 208 -8.87 1.56 2.45
N ALA A 209 -7.57 1.34 2.69
CA ALA A 209 -7.03 -0.02 2.60
C ALA A 209 -7.66 -0.92 3.66
N GLY A 210 -7.89 -0.39 4.86
CA GLY A 210 -8.50 -1.20 5.91
C GLY A 210 -9.95 -1.53 5.61
N LEU A 211 -10.70 -0.55 5.10
CA LEU A 211 -12.07 -0.82 4.65
C LEU A 211 -12.08 -1.83 3.51
N LEU A 212 -11.18 -1.68 2.54
CA LEU A 212 -11.11 -2.67 1.46
C LEU A 212 -10.82 -4.07 2.01
N ALA A 213 -9.93 -4.14 2.99
CA ALA A 213 -9.61 -5.43 3.61
C ALA A 213 -10.87 -6.11 4.15
N VAL A 214 -11.74 -5.34 4.81
CA VAL A 214 -12.97 -5.93 5.35
C VAL A 214 -13.92 -6.33 4.22
N LYS A 215 -14.06 -5.48 3.20
CA LYS A 215 -14.97 -5.82 2.10
C LYS A 215 -14.49 -7.07 1.35
N LEU A 216 -13.17 -7.26 1.23
CA LEU A 216 -12.67 -8.49 0.63
C LEU A 216 -13.02 -9.71 1.48
N ALA A 217 -12.84 -9.61 2.80
CA ALA A 217 -13.17 -10.74 3.65
C ALA A 217 -14.66 -11.07 3.58
N GLN A 218 -15.50 -10.03 3.50
CA GLN A 218 -16.94 -10.27 3.42
C GLN A 218 -17.34 -10.82 2.05
N SER A 219 -16.54 -10.59 1.03
CA SER A 219 -16.78 -11.17 -0.29
C SER A 219 -16.35 -12.62 -0.39
N GLU A 220 -15.85 -13.21 0.70
CA GLU A 220 -15.25 -14.55 0.70
C GLU A 220 -14.03 -14.62 -0.21
N PHE A 221 -13.32 -13.51 -0.36
CA PHE A 221 -12.07 -13.52 -1.11
C PHE A 221 -11.03 -14.32 -0.36
N GLY A 222 -10.22 -15.09 -1.10
CA GLY A 222 -9.20 -15.90 -0.46
C GLY A 222 -8.02 -15.08 0.01
N GLY A 223 -7.41 -15.54 1.12
CA GLY A 223 -6.27 -14.83 1.70
C GLY A 223 -5.64 -15.63 2.83
N SER A 224 -4.41 -15.27 3.16
CA SER A 224 -3.74 -15.87 4.30
C SER A 224 -4.49 -15.55 5.59
N ARG A 225 -4.55 -16.53 6.48
CA ARG A 225 -5.09 -16.31 7.83
C ARG A 225 -4.00 -16.17 8.88
N THR A 226 -2.74 -16.08 8.45
CA THR A 226 -1.61 -16.08 9.36
C THR A 226 -0.60 -14.98 9.04
N ALA A 227 -1.06 -13.82 8.54
CA ALA A 227 -0.13 -12.84 8.00
C ALA A 227 0.78 -12.21 9.05
N PHE A 228 0.42 -12.29 10.34
CA PHE A 228 1.30 -11.80 11.39
C PHE A 228 2.36 -12.81 11.79
N ASP A 229 2.18 -14.08 11.43
CA ASP A 229 2.96 -15.19 11.97
C ASP A 229 4.08 -15.60 11.03
N GLY A 230 5.14 -16.17 11.61
CA GLY A 230 6.20 -16.79 10.83
C GLY A 230 7.36 -15.84 10.55
N GLU A 231 8.37 -16.41 9.87
CA GLU A 231 9.58 -15.65 9.57
C GLU A 231 9.36 -14.60 8.48
N THR A 232 8.30 -14.71 7.68
CA THR A 232 7.97 -13.70 6.68
C THR A 232 6.68 -12.97 7.02
N GLY A 233 6.20 -13.08 8.26
CA GLY A 233 5.00 -12.38 8.68
C GLY A 233 5.26 -10.90 8.88
N PHE A 234 4.18 -10.18 9.17
CA PHE A 234 4.21 -8.72 9.17
C PHE A 234 5.28 -8.18 10.12
N PHE A 235 5.38 -8.74 11.32
CA PHE A 235 6.31 -8.15 12.29
C PHE A 235 7.76 -8.46 11.94
N SER A 236 8.05 -9.66 11.41
CA SER A 236 9.41 -9.94 10.97
C SER A 236 9.80 -9.04 9.82
N LEU A 237 8.84 -8.73 8.94
CA LEU A 237 9.14 -7.94 7.74
C LEU A 237 9.33 -6.47 8.06
N TYR A 238 8.47 -5.90 8.91
CA TYR A 238 8.43 -4.47 9.15
C TYR A 238 8.98 -4.05 10.50
N GLY A 239 9.20 -4.98 11.43
CA GLY A 239 9.56 -4.57 12.77
C GLY A 239 10.28 -5.63 13.58
N ASP A 240 9.81 -5.83 14.81
CA ASP A 240 10.47 -6.64 15.82
C ASP A 240 9.48 -7.72 16.28
N VAL A 241 9.56 -8.91 15.69
CA VAL A 241 8.54 -9.93 15.97
C VAL A 241 8.67 -10.42 17.41
N GLU A 242 9.88 -10.44 17.97
CA GLU A 242 9.99 -10.88 19.37
C GLU A 242 9.30 -9.89 20.30
N LYS A 243 9.50 -8.58 20.09
CA LYS A 243 8.76 -7.60 20.87
C LYS A 243 7.25 -7.81 20.73
N ALA A 244 6.78 -7.96 19.49
CA ALA A 244 5.35 -8.12 19.24
C ALA A 244 4.79 -9.34 19.96
N GLN A 245 5.54 -10.44 20.00
CA GLN A 245 5.04 -11.64 20.66
C GLN A 245 4.82 -11.40 22.15
N HIS A 246 5.56 -10.47 22.76
CA HIS A 246 5.40 -10.18 24.18
C HIS A 246 4.43 -9.04 24.48
N THR A 247 4.17 -8.15 23.53
CA THR A 247 3.42 -6.93 23.81
C THR A 247 2.07 -6.84 23.13
N LEU A 248 1.90 -7.43 21.93
CA LEU A 248 0.73 -7.10 21.11
C LEU A 248 -0.59 -7.39 21.83
N LEU A 249 -0.72 -8.55 22.47
CA LEU A 249 -1.99 -8.98 23.04
C LEU A 249 -2.06 -8.89 24.55
N ASN A 250 -0.96 -8.58 25.22
CA ASN A 250 -0.90 -8.65 26.68
C ASN A 250 -1.86 -7.63 27.30
N ASP A 251 -2.77 -8.12 28.16
CA ASP A 251 -3.64 -7.28 28.98
C ASP A 251 -4.60 -6.46 28.13
N TRP A 252 -5.13 -7.12 27.09
CA TRP A 252 -6.00 -6.48 26.11
C TRP A 252 -7.20 -5.80 26.77
N GLY A 253 -7.43 -4.54 26.41
CA GLY A 253 -8.62 -3.83 26.85
C GLY A 253 -8.66 -3.53 28.33
N ALA A 254 -7.52 -3.64 29.03
CA ALA A 254 -7.48 -3.49 30.48
C ALA A 254 -6.15 -2.85 30.85
N PRO A 255 -6.05 -1.52 30.78
CA PRO A 255 -7.15 -0.60 30.43
C PRO A 255 -7.20 -0.32 28.93
N TRP A 256 -8.32 0.23 28.44
CA TRP A 256 -8.37 0.59 27.02
C TRP A 256 -7.39 1.72 26.74
N ARG A 257 -6.59 1.56 25.67
CA ARG A 257 -5.57 2.54 25.33
C ARG A 257 -6.17 3.89 24.97
N ILE A 258 -7.44 3.92 24.56
CA ILE A 258 -8.05 5.20 24.25
C ILE A 258 -8.19 6.04 25.51
N VAL A 259 -8.19 5.41 26.69
CA VAL A 259 -8.24 6.09 27.99
C VAL A 259 -6.85 6.21 28.61
N GLN A 260 -6.09 5.12 28.66
CA GLN A 260 -4.75 5.09 29.24
C GLN A 260 -3.80 4.44 28.25
N PRO A 261 -2.77 5.16 27.75
CA PRO A 261 -2.41 6.54 28.14
C PRO A 261 -3.36 7.62 27.59
N GLY A 262 -4.22 7.28 26.65
CA GLY A 262 -5.29 8.18 26.28
C GLY A 262 -4.97 9.00 25.03
N LEU A 263 -6.03 9.34 24.29
CA LEU A 263 -5.92 10.28 23.18
C LEU A 263 -5.70 11.70 23.71
N TRP A 264 -4.88 12.45 22.99
CA TRP A 264 -4.61 13.86 23.25
C TRP A 264 -5.32 14.67 22.17
N PHE A 265 -6.22 15.55 22.59
CA PHE A 265 -6.97 16.40 21.68
C PHE A 265 -6.35 17.79 21.68
N LYS A 266 -5.95 18.27 20.50
CA LYS A 266 -5.11 19.45 20.37
C LYS A 266 -5.90 20.75 20.48
N ILE A 267 -5.37 21.71 21.24
CA ILE A 267 -5.93 23.05 21.17
C ILE A 267 -5.20 23.93 20.14
N TYR A 268 -4.02 23.50 19.67
CA TYR A 268 -3.26 24.25 18.67
C TYR A 268 -3.10 23.44 17.40
N PRO A 269 -3.18 24.09 16.23
CA PRO A 269 -3.01 23.38 14.95
C PRO A 269 -1.55 23.31 14.52
N PHE A 270 -0.75 22.61 15.32
CA PHE A 270 0.65 22.38 14.98
C PHE A 270 1.18 21.23 15.84
N CYS A 271 2.47 20.95 15.67
CA CYS A 271 3.04 19.75 16.25
C CYS A 271 2.87 19.71 17.76
N SER A 272 2.38 18.56 18.26
CA SER A 272 2.12 18.39 19.69
C SER A 272 3.32 18.73 20.56
N ALA A 273 4.54 18.50 20.05
CA ALA A 273 5.75 18.76 20.84
C ALA A 273 6.00 20.24 21.10
N ALA A 274 5.32 21.13 20.39
CA ALA A 274 5.40 22.56 20.66
C ALA A 274 4.30 23.06 21.59
N HIS A 275 3.39 22.18 22.02
CA HIS A 275 2.25 22.65 22.81
C HIS A 275 2.66 23.08 24.22
N HIS A 276 3.68 22.44 24.80
CA HIS A 276 4.18 22.91 26.09
C HIS A 276 4.68 24.35 26.00
N ALA A 277 5.51 24.63 24.98
CA ALA A 277 6.01 26.00 24.84
C ALA A 277 4.88 26.96 24.53
N ALA A 278 3.89 26.53 23.76
CA ALA A 278 2.78 27.43 23.42
C ALA A 278 2.00 27.82 24.67
N ASP A 279 1.63 26.83 25.50
CA ASP A 279 1.01 27.12 26.79
C ASP A 279 1.88 28.06 27.62
N ALA A 280 3.19 27.78 27.68
CA ALA A 280 4.04 28.54 28.58
C ALA A 280 4.18 29.99 28.12
N VAL A 281 4.38 30.22 26.83
CA VAL A 281 4.57 31.59 26.36
C VAL A 281 3.28 32.38 26.50
N ARG A 282 2.13 31.75 26.28
CA ARG A 282 0.86 32.46 26.49
C ARG A 282 0.70 32.85 27.96
N GLN A 283 1.13 31.97 28.86
CA GLN A 283 1.16 32.28 30.29
C GLN A 283 2.06 33.49 30.56
N LEU A 284 3.26 33.51 29.98
CA LEU A 284 4.17 34.64 30.17
C LEU A 284 3.57 35.93 29.62
N ILE A 285 2.98 35.87 28.43
CA ILE A 285 2.41 37.07 27.83
C ILE A 285 1.27 37.61 28.68
N SER A 286 0.48 36.70 29.27
CA SER A 286 -0.64 37.14 30.09
C SER A 286 -0.18 37.73 31.41
N GLU A 287 0.72 37.03 32.10
CA GLU A 287 1.11 37.40 33.45
C GLU A 287 2.18 38.48 33.52
N GLU A 288 3.07 38.56 32.53
CA GLU A 288 4.17 39.50 32.56
C GLU A 288 4.10 40.56 31.47
N THR A 289 3.15 40.47 30.54
CA THR A 289 2.99 41.44 29.46
C THR A 289 4.28 41.58 28.64
N ILE A 290 4.97 40.45 28.43
CA ILE A 290 6.07 40.46 27.49
C ILE A 290 5.51 40.50 26.07
N SER A 291 6.34 40.98 25.15
CA SER A 291 5.97 41.09 23.76
C SER A 291 7.24 41.13 22.94
N ALA A 292 7.08 41.07 21.62
CA ALA A 292 8.24 41.14 20.74
C ALA A 292 8.97 42.46 20.89
N ALA A 293 8.27 43.52 21.29
CA ALA A 293 8.88 44.83 21.39
C ALA A 293 9.84 44.92 22.57
N ASN A 294 9.49 44.33 23.72
CA ASN A 294 10.26 44.49 24.94
C ASN A 294 11.07 43.25 25.32
N THR A 295 11.11 42.24 24.47
CA THR A 295 11.86 41.02 24.73
C THR A 295 13.13 41.03 23.88
N GLU A 296 14.28 40.91 24.54
CA GLU A 296 15.54 40.90 23.79
C GLU A 296 15.77 39.56 23.11
N ARG A 297 15.55 38.46 23.82
CA ARG A 297 15.69 37.13 23.24
C ARG A 297 14.95 36.13 24.11
N ILE A 298 14.85 34.90 23.62
CA ILE A 298 14.15 33.82 24.28
C ILE A 298 15.07 32.60 24.34
N GLU A 299 15.05 31.89 25.46
CA GLU A 299 15.58 30.54 25.55
C GLU A 299 14.43 29.57 25.81
N VAL A 300 14.38 28.49 25.05
CA VAL A 300 13.37 27.45 25.19
C VAL A 300 14.10 26.20 25.63
N ILE A 301 13.74 25.67 26.79
CA ILE A 301 14.49 24.58 27.42
C ILE A 301 13.69 23.30 27.31
N PHE A 302 14.29 22.27 26.70
CA PHE A 302 13.74 20.93 26.58
C PHE A 302 14.61 19.93 27.32
N PRO A 303 14.05 18.82 27.78
CA PRO A 303 14.88 17.66 28.08
C PRO A 303 15.48 17.14 26.78
N PRO A 304 16.62 16.44 26.83
CA PRO A 304 17.21 15.94 25.58
C PRO A 304 16.22 15.08 24.81
N GLY A 305 16.12 15.35 23.50
CA GLY A 305 15.17 14.66 22.66
C GLY A 305 13.74 15.17 22.73
N GLY A 306 13.41 16.08 23.65
CA GLY A 306 12.03 16.55 23.74
C GLY A 306 11.55 17.30 22.51
N ASP A 307 12.46 17.88 21.73
CA ASP A 307 12.10 18.65 20.55
C ASP A 307 12.39 17.90 19.25
N ALA A 308 12.56 16.58 19.32
CA ALA A 308 12.95 15.80 18.13
C ALA A 308 11.95 15.98 16.98
N ALA A 309 10.66 16.05 17.30
CA ALA A 309 9.65 16.22 16.25
C ALA A 309 9.64 17.63 15.67
N LEU A 310 10.21 18.61 16.37
CA LEU A 310 10.22 20.00 15.92
C LEU A 310 11.43 20.26 15.04
N THR A 311 11.36 19.75 13.82
CA THR A 311 12.49 19.68 12.91
C THR A 311 12.80 20.99 12.20
N GLU A 312 11.96 22.03 12.34
CA GLU A 312 12.18 23.30 11.67
C GLU A 312 12.68 24.36 12.65
N ARG A 313 13.96 24.71 12.57
CA ARG A 313 14.47 25.83 13.35
C ARG A 313 14.34 27.16 12.62
N SER A 314 14.25 27.13 11.29
CA SER A 314 14.19 28.34 10.47
C SER A 314 13.08 28.21 9.44
N PRO A 315 11.84 28.07 9.88
CA PRO A 315 10.75 27.85 8.92
C PRO A 315 10.57 29.05 8.03
N LYS A 316 10.10 28.80 6.81
CA LYS A 316 9.83 29.88 5.86
C LYS A 316 8.34 30.10 5.63
N THR A 317 7.48 29.13 5.97
CA THR A 317 6.05 29.23 5.78
C THR A 317 5.35 28.81 7.07
N GLY A 318 4.07 29.16 7.19
CA GLY A 318 3.32 28.73 8.36
C GLY A 318 3.22 27.21 8.46
N GLU A 319 3.20 26.53 7.31
CA GLU A 319 3.18 25.07 7.30
C GLU A 319 4.44 24.49 7.90
N GLU A 320 5.60 25.01 7.48
CA GLU A 320 6.85 24.62 8.12
C GLU A 320 6.86 25.03 9.58
N GLY A 321 6.23 26.17 9.89
CA GLY A 321 6.17 26.65 11.25
C GLY A 321 5.38 25.76 12.20
N ARG A 322 4.57 24.84 11.67
CA ARG A 322 3.91 23.85 12.51
C ARG A 322 4.90 23.00 13.28
N PHE A 323 6.13 22.92 12.83
CA PHE A 323 7.16 22.10 13.45
C PHE A 323 8.33 22.94 13.93
N SER A 324 8.05 24.19 14.28
CA SER A 324 9.05 25.14 14.77
C SER A 324 8.58 25.75 16.08
N VAL A 325 9.26 25.42 17.19
CA VAL A 325 8.95 26.10 18.44
C VAL A 325 9.27 27.59 18.34
N GLU A 326 10.26 27.94 17.50
CA GLU A 326 10.64 29.34 17.31
C GLU A 326 9.50 30.15 16.72
N TYR A 327 8.86 29.61 15.68
CA TYR A 327 7.76 30.32 15.05
C TYR A 327 6.57 30.43 15.99
N VAL A 328 6.26 29.35 16.71
CA VAL A 328 5.14 29.35 17.65
C VAL A 328 5.31 30.48 18.66
N ILE A 329 6.52 30.59 19.23
CA ILE A 329 6.75 31.60 20.26
C ILE A 329 6.75 33.00 19.67
N ALA A 330 7.42 33.18 18.52
CA ALA A 330 7.48 34.50 17.90
C ALA A 330 6.10 34.99 17.49
N LEU A 331 5.28 34.10 16.95
CA LEU A 331 3.92 34.45 16.56
C LEU A 331 3.14 35.03 17.75
N ALA A 332 3.21 34.34 18.90
CA ALA A 332 2.54 34.83 20.10
C ALA A 332 3.15 36.13 20.59
N LEU A 333 4.48 36.25 20.55
CA LEU A 333 5.13 37.49 20.97
C LEU A 333 4.72 38.67 20.10
N HIS A 334 4.43 38.43 18.81
CA HIS A 334 3.98 39.51 17.95
C HIS A 334 2.48 39.76 18.05
N GLY A 335 1.80 39.14 19.03
CA GLY A 335 0.41 39.42 19.31
C GLY A 335 -0.62 38.66 18.50
N HIS A 336 -0.21 37.66 17.75
CA HIS A 336 -1.14 36.88 16.94
C HIS A 336 -1.64 35.66 17.69
N GLY A 337 -2.87 35.25 17.39
CA GLY A 337 -3.39 34.02 17.95
C GLY A 337 -2.69 32.81 17.37
N LEU A 338 -2.64 31.74 18.18
CA LEU A 338 -2.00 30.50 17.73
C LEU A 338 -3.06 29.64 17.01
N THR A 339 -3.45 30.12 15.83
CA THR A 339 -4.66 29.67 15.15
C THR A 339 -4.35 29.23 13.73
N VAL A 340 -5.36 28.59 13.12
CA VAL A 340 -5.17 27.89 11.85
C VAL A 340 -4.63 28.81 10.77
N GLU A 341 -5.13 30.06 10.72
CA GLU A 341 -4.76 30.97 9.63
C GLU A 341 -3.27 31.29 9.61
N HIS A 342 -2.57 31.07 10.72
CA HIS A 342 -1.15 31.41 10.77
C HIS A 342 -0.24 30.22 10.49
N PHE A 343 -0.79 29.05 10.15
CA PHE A 343 0.03 27.87 9.91
C PHE A 343 -0.22 27.27 8.52
N SER A 344 -0.57 28.14 7.57
CA SER A 344 -0.80 27.78 6.18
C SER A 344 0.49 27.88 5.38
N SER A 345 0.43 27.52 4.10
CA SER A 345 1.61 27.56 3.25
C SER A 345 2.11 28.98 2.97
N GLN A 346 1.37 30.01 3.37
CA GLN A 346 1.79 31.38 3.14
C GLN A 346 3.13 31.67 3.81
N PRO A 347 3.94 32.56 3.24
CA PRO A 347 5.28 32.81 3.81
C PRO A 347 5.18 33.54 5.14
N ILE A 348 6.17 33.30 5.99
CA ILE A 348 6.24 34.01 7.26
C ILE A 348 6.80 35.41 7.02
N PRO A 349 6.15 36.46 7.52
CA PRO A 349 6.65 37.83 7.33
C PRO A 349 8.04 38.03 7.92
N ASN A 350 8.74 39.05 7.40
CA ASN A 350 10.12 39.30 7.78
C ASN A 350 10.25 39.69 9.25
N GLY A 351 9.28 40.44 9.76
CA GLY A 351 9.31 40.82 11.17
C GLY A 351 9.33 39.61 12.08
N ILE A 352 8.54 38.59 11.73
CA ILE A 352 8.50 37.40 12.56
C ILE A 352 9.75 36.55 12.37
N GLN A 353 10.31 36.52 11.16
CA GLN A 353 11.57 35.81 10.97
C GLN A 353 12.70 36.44 11.77
N THR A 354 12.70 37.77 11.89
CA THR A 354 13.69 38.43 12.74
C THR A 354 13.59 37.94 14.19
N THR A 355 12.37 37.90 14.72
CA THR A 355 12.17 37.44 16.08
C THR A 355 12.57 35.98 16.24
N ILE A 356 12.29 35.16 15.22
CA ILE A 356 12.70 33.77 15.23
C ILE A 356 14.20 33.67 15.46
N GLY A 357 14.97 34.59 14.87
CA GLY A 357 16.42 34.56 15.04
C GLY A 357 16.88 34.84 16.45
N HIS A 358 16.00 35.32 17.33
CA HIS A 358 16.35 35.60 18.72
C HIS A 358 15.82 34.54 19.67
N ILE A 359 15.46 33.37 19.17
CA ILE A 359 14.93 32.28 19.98
C ILE A 359 15.84 31.08 19.79
N GLN A 360 16.48 30.63 20.87
CA GLN A 360 17.36 29.48 20.84
C GLN A 360 16.84 28.38 21.73
N ARG A 361 17.13 27.15 21.35
CA ARG A 361 16.77 25.97 22.13
C ARG A 361 17.97 25.53 22.94
N VAL A 362 17.74 25.12 24.19
CA VAL A 362 18.77 24.52 25.01
C VAL A 362 18.20 23.28 25.68
N TYR A 363 19.08 22.45 26.21
CA TYR A 363 18.72 21.11 26.65
C TYR A 363 19.20 20.90 28.06
N ASP A 364 18.29 20.43 28.91
CA ASP A 364 18.48 20.33 30.35
C ASP A 364 18.17 18.88 30.73
N ASN A 365 19.22 18.11 31.03
CA ASN A 365 19.07 16.71 31.40
C ASN A 365 18.97 16.51 32.90
N ALA A 366 18.99 17.58 33.70
CA ALA A 366 18.87 17.47 35.14
C ALA A 366 17.45 17.70 35.66
N THR A 367 16.69 18.59 35.02
CA THR A 367 15.37 18.94 35.53
C THR A 367 14.45 17.73 35.50
N GLN A 368 13.72 17.53 36.59
CA GLN A 368 12.86 16.37 36.75
C GLN A 368 11.50 16.64 36.12
N PRO A 369 11.06 15.85 35.14
CA PRO A 369 9.71 16.01 34.62
C PRO A 369 8.68 15.67 35.68
N ALA A 370 7.53 16.32 35.58
CA ALA A 370 6.48 16.13 36.58
C ALA A 370 5.90 14.71 36.49
N PRO A 371 5.40 14.17 37.60
CA PRO A 371 4.82 12.81 37.56
C PRO A 371 3.69 12.67 36.57
N HIS A 372 2.99 13.76 36.25
CA HIS A 372 1.87 13.73 35.32
C HIS A 372 2.23 14.28 33.94
N ALA A 373 3.52 14.45 33.64
CA ALA A 373 3.91 15.02 32.36
C ALA A 373 3.40 14.18 31.19
N VAL A 374 2.99 14.86 30.13
CA VAL A 374 2.57 14.19 28.89
C VAL A 374 3.32 14.84 27.74
N PRO A 375 4.00 14.07 26.86
CA PRO A 375 4.25 12.63 27.00
C PRO A 375 5.16 12.39 28.21
N LYS A 376 5.34 11.14 28.62
CA LYS A 376 6.17 10.85 29.78
C LYS A 376 7.58 11.43 29.58
N GLY A 377 8.09 12.06 30.63
CA GLY A 377 9.41 12.65 30.62
C GLY A 377 9.53 14.01 29.95
N ARG A 378 8.42 14.60 29.51
CA ARG A 378 8.47 15.81 28.69
C ARG A 378 8.15 17.06 29.51
N PHE A 379 8.81 18.16 29.17
CA PHE A 379 8.46 19.48 29.67
C PHE A 379 9.00 20.52 28.68
N THR A 380 8.57 21.77 28.86
CA THR A 380 9.27 22.86 28.22
C THR A 380 9.25 24.07 29.13
N ILE A 381 10.40 24.72 29.29
CA ILE A 381 10.48 26.00 29.96
C ILE A 381 10.75 27.05 28.90
N VAL A 382 10.04 28.17 28.98
CA VAL A 382 10.28 29.33 28.14
C VAL A 382 10.81 30.43 29.05
N ARG A 383 11.97 30.98 28.72
CA ARG A 383 12.61 32.04 29.49
C ARG A 383 12.77 33.25 28.58
N ALA A 384 12.20 34.39 28.98
CA ALA A 384 12.34 35.63 28.23
C ALA A 384 13.35 36.54 28.90
N TYR A 385 14.22 37.15 28.10
CA TYR A 385 15.20 38.12 28.57
C TYR A 385 14.70 39.51 28.24
N LEU A 386 14.52 40.34 29.27
CA LEU A 386 13.98 41.68 29.12
C LEU A 386 15.11 42.71 29.23
N SER A 387 14.74 43.98 29.25
CA SER A 387 15.74 45.03 29.43
C SER A 387 16.32 44.99 30.84
N ASP A 388 17.54 45.50 30.97
CA ASP A 388 18.21 45.65 32.26
C ASP A 388 18.40 44.32 32.96
N GLY A 389 18.59 43.25 32.18
CA GLY A 389 18.98 41.97 32.73
C GLY A 389 17.89 41.18 33.41
N ARG A 390 16.64 41.63 33.37
CA ARG A 390 15.56 40.87 33.97
C ARG A 390 15.22 39.65 33.13
N ILE A 391 14.82 38.56 33.80
CA ILE A 391 14.28 37.40 33.12
C ILE A 391 12.94 37.03 33.74
N CYS A 392 12.11 36.35 32.95
CA CYS A 392 10.94 35.68 33.50
C CYS A 392 10.77 34.34 32.79
N GLU A 393 10.16 33.39 33.49
CA GLU A 393 10.12 32.00 33.06
C GLU A 393 8.74 31.42 33.31
N ALA A 394 8.35 30.50 32.43
CA ALA A 394 7.13 29.71 32.60
C ALA A 394 7.43 28.29 32.17
N ARG A 395 6.84 27.32 32.86
CA ARG A 395 7.10 25.92 32.58
C ARG A 395 5.78 25.19 32.41
N VAL A 396 5.71 24.28 31.43
CA VAL A 396 4.54 23.43 31.23
C VAL A 396 4.98 21.99 31.07
N ASP A 397 4.30 21.08 31.78
CA ASP A 397 4.59 19.67 31.72
C ASP A 397 3.45 18.86 31.12
N CYS A 398 2.22 19.32 31.26
CA CYS A 398 1.05 18.59 30.77
C CYS A 398 0.16 19.60 30.05
N PRO A 399 0.29 19.72 28.72
CA PRO A 399 -0.41 20.80 28.01
C PRO A 399 -1.91 20.62 27.99
N LYS A 400 -2.62 21.73 27.85
CA LYS A 400 -4.06 21.70 27.76
C LYS A 400 -4.50 20.84 26.57
N GLY A 401 -5.39 19.88 26.82
CA GLY A 401 -5.78 18.90 25.84
C GLY A 401 -5.17 17.53 26.05
N ALA A 402 -4.06 17.44 26.76
CA ALA A 402 -3.47 16.14 27.02
C ALA A 402 -4.20 15.44 28.16
N PRO A 403 -4.15 14.12 28.21
CA PRO A 403 -4.69 13.38 29.36
C PRO A 403 -4.13 13.94 30.67
N GLY A 404 -5.02 14.10 31.65
CA GLY A 404 -4.67 14.77 32.89
C GLY A 404 -4.83 16.28 32.87
N ASN A 405 -4.99 16.89 31.69
CA ASN A 405 -5.32 18.30 31.58
C ASN A 405 -6.29 18.47 30.40
N GLU A 406 -7.38 17.72 30.44
CA GLU A 406 -8.24 17.47 29.29
C GLU A 406 -9.10 18.69 28.95
N LEU A 407 -9.51 18.74 27.68
CA LEU A 407 -10.39 19.81 27.22
C LEU A 407 -11.70 19.84 28.00
N SER A 408 -12.19 21.04 28.27
CA SER A 408 -13.54 21.21 28.78
C SER A 408 -14.54 21.09 27.63
N GLU A 409 -15.82 20.92 27.99
CA GLU A 409 -16.87 20.96 26.98
C GLU A 409 -16.84 22.27 26.21
N GLU A 410 -16.50 23.36 26.91
CA GLU A 410 -16.42 24.67 26.26
C GLU A 410 -15.25 24.71 25.27
N ASP A 411 -14.12 24.08 25.60
CA ASP A 411 -13.03 23.97 24.64
C ASP A 411 -13.48 23.20 23.40
N ILE A 412 -14.22 22.11 23.61
CA ILE A 412 -14.68 21.29 22.49
C ILE A 412 -15.56 22.11 21.56
N ILE A 413 -16.56 22.80 22.13
CA ILE A 413 -17.46 23.57 21.28
C ILE A 413 -16.73 24.73 20.63
N GLU A 414 -15.74 25.31 21.32
CA GLU A 414 -14.95 26.37 20.70
C GLU A 414 -14.16 25.86 19.49
N LYS A 415 -13.63 24.64 19.58
CA LYS A 415 -12.93 24.09 18.42
C LYS A 415 -13.90 23.82 17.28
N LEU A 416 -15.13 23.41 17.59
CA LEU A 416 -16.15 23.18 16.57
C LEU A 416 -16.65 24.48 15.95
N THR A 417 -16.74 25.55 16.73
CA THR A 417 -17.29 26.79 16.17
C THR A 417 -16.25 27.62 15.44
N LEU A 418 -15.04 27.10 15.23
CA LEU A 418 -14.13 27.76 14.32
C LEU A 418 -14.73 27.89 12.93
N THR A 419 -15.69 27.05 12.63
CA THR A 419 -16.22 26.82 11.29
C THR A 419 -17.73 26.95 11.20
N VAL A 420 -18.46 26.52 12.22
CA VAL A 420 -19.92 26.47 12.15
C VAL A 420 -20.47 27.31 13.29
N PRO A 421 -21.73 27.73 13.20
CA PRO A 421 -22.30 28.54 14.29
C PRO A 421 -22.49 27.73 15.55
N GLN A 422 -22.64 28.44 16.66
CA GLN A 422 -22.77 27.80 17.96
C GLN A 422 -23.93 26.80 17.99
N GLU A 423 -25.07 27.15 17.40
CA GLU A 423 -26.22 26.27 17.51
C GLU A 423 -26.00 24.97 16.74
N LYS A 424 -25.26 25.04 15.63
CA LYS A 424 -24.93 23.83 14.89
C LYS A 424 -24.01 22.94 15.71
N ALA A 425 -23.00 23.55 16.32
CA ALA A 425 -22.08 22.80 17.16
C ALA A 425 -22.82 22.14 18.32
N ARG A 426 -23.77 22.86 18.93
CA ARG A 426 -24.53 22.27 20.03
C ARG A 426 -25.31 21.04 19.56
N ARG A 427 -25.88 21.10 18.35
CA ARG A 427 -26.67 19.97 17.85
C ARG A 427 -25.78 18.77 17.55
N ILE A 428 -24.56 19.02 17.06
CA ILE A 428 -23.61 17.94 16.82
C ILE A 428 -23.24 17.26 18.13
N ILE A 429 -22.90 18.05 19.15
CA ILE A 429 -22.52 17.49 20.45
C ILE A 429 -23.69 16.70 21.05
N THR A 430 -24.92 17.21 20.91
CA THR A 430 -26.07 16.50 21.43
C THR A 430 -26.23 15.15 20.73
N ALA A 431 -26.05 15.12 19.41
CA ALA A 431 -26.18 13.86 18.68
C ALA A 431 -25.16 12.84 19.18
N VAL A 432 -23.91 13.29 19.36
CA VAL A 432 -22.86 12.37 19.80
C VAL A 432 -23.11 11.91 21.23
N GLU A 433 -23.56 12.83 22.09
CA GLU A 433 -23.80 12.49 23.50
C GLU A 433 -24.83 11.39 23.64
N LYS A 434 -25.87 11.43 22.83
CA LYS A 434 -26.92 10.43 22.84
C LYS A 434 -26.58 9.23 21.96
N ALA A 435 -25.38 9.20 21.38
CA ALA A 435 -24.94 8.14 20.48
C ALA A 435 -25.90 7.97 19.31
N ASP A 436 -26.43 9.10 18.82
CA ASP A 436 -27.28 9.11 17.63
C ASP A 436 -26.38 9.26 16.41
N ILE A 437 -25.79 8.13 16.00
CA ILE A 437 -24.75 8.17 14.98
C ILE A 437 -25.33 8.58 13.62
N LYS A 438 -26.56 8.16 13.31
CA LYS A 438 -27.20 8.60 12.07
C LYS A 438 -27.31 10.13 12.02
N GLU A 439 -27.76 10.74 13.10
CA GLU A 439 -27.86 12.20 13.14
C GLU A 439 -26.48 12.84 13.06
N PHE A 440 -25.49 12.24 13.72
CA PHE A 440 -24.12 12.72 13.62
C PHE A 440 -23.64 12.70 12.17
N LEU A 441 -23.85 11.58 11.46
CA LEU A 441 -23.43 11.50 10.07
C LEU A 441 -24.10 12.57 9.21
N ALA A 442 -25.37 12.84 9.45
CA ALA A 442 -26.06 13.88 8.70
C ALA A 442 -25.46 15.26 8.97
N HIS A 443 -24.99 15.50 10.21
CA HIS A 443 -24.48 16.82 10.58
C HIS A 443 -23.12 17.10 9.94
N ILE A 444 -22.24 16.10 9.90
CA ILE A 444 -20.86 16.35 9.50
C ILE A 444 -20.73 16.68 8.01
N GLU A 445 -21.76 16.40 7.22
CA GLU A 445 -21.66 16.71 5.79
C GLU A 445 -21.50 18.20 5.55
N LEU A 446 -22.01 19.05 6.45
CA LEU A 446 -21.62 20.45 6.37
C LEU A 446 -21.16 21.03 7.72
N GLN B 4 23.04 14.36 -9.49
CA GLN B 4 21.66 13.94 -9.72
C GLN B 4 21.35 12.67 -8.91
N GLY B 5 20.25 12.71 -8.15
CA GLY B 5 19.85 11.59 -7.33
C GLY B 5 19.18 10.50 -8.14
N LEU B 6 18.90 9.38 -7.45
CA LEU B 6 18.27 8.25 -8.10
C LEU B 6 16.85 8.58 -8.56
N THR B 7 16.10 9.34 -7.75
CA THR B 7 14.73 9.68 -8.14
C THR B 7 14.72 10.51 -9.42
N ALA B 8 15.51 11.60 -9.45
CA ALA B 8 15.59 12.41 -10.64
C ALA B 8 16.16 11.62 -11.81
N GLY B 9 17.14 10.76 -11.55
CA GLY B 9 17.74 9.98 -12.63
C GLY B 9 16.74 9.05 -13.29
N LEU B 10 15.94 8.34 -12.48
CA LEU B 10 14.93 7.46 -13.07
C LEU B 10 13.88 8.28 -13.80
N ALA B 11 13.38 9.36 -13.17
CA ALA B 11 12.38 10.19 -13.83
C ALA B 11 12.89 10.72 -15.17
N GLU B 12 14.16 11.13 -15.23
CA GLU B 12 14.66 11.65 -16.51
C GLU B 12 14.84 10.53 -17.54
N ALA B 13 15.36 9.37 -17.11
CA ALA B 13 15.50 8.24 -18.03
C ALA B 13 14.16 7.83 -18.63
N VAL B 14 13.13 7.73 -17.79
CA VAL B 14 11.80 7.36 -18.27
C VAL B 14 11.29 8.42 -19.25
N ARG B 15 11.35 9.67 -18.84
CA ARG B 15 10.70 10.76 -19.55
C ARG B 15 11.28 10.92 -20.94
N THR B 16 12.60 10.76 -21.08
CA THR B 16 13.30 11.01 -22.33
C THR B 16 13.48 9.74 -23.15
N SER B 17 12.85 8.63 -22.75
CA SER B 17 13.02 7.38 -23.51
C SER B 17 12.41 7.51 -24.90
N GLN B 18 13.01 6.79 -25.85
CA GLN B 18 12.48 6.70 -27.22
C GLN B 18 12.33 5.24 -27.62
N PRO B 19 11.43 4.50 -26.96
CA PRO B 19 11.28 3.08 -27.26
C PRO B 19 10.79 2.79 -28.65
N GLU B 20 10.07 3.72 -29.26
CA GLU B 20 9.52 3.48 -30.60
C GLU B 20 10.59 3.42 -31.68
N HIS B 21 11.83 3.75 -31.35
CA HIS B 21 12.93 3.62 -32.30
C HIS B 21 13.50 2.21 -32.34
N SER B 22 13.10 1.33 -31.43
CA SER B 22 13.56 -0.04 -31.41
C SER B 22 12.51 -0.93 -32.07
N VAL B 23 12.82 -1.44 -33.27
CA VAL B 23 11.87 -2.32 -33.95
C VAL B 23 11.60 -3.56 -33.11
N ASP B 24 12.66 -4.13 -32.51
CA ASP B 24 12.52 -5.35 -31.73
C ASP B 24 11.67 -5.12 -30.50
N ALA B 25 11.86 -3.99 -29.81
CA ALA B 25 11.09 -3.76 -28.60
C ALA B 25 9.60 -3.58 -28.91
N ILE B 26 9.31 -2.88 -30.02
CA ILE B 26 7.91 -2.69 -30.40
C ILE B 26 7.26 -4.02 -30.76
N ARG B 27 7.97 -4.85 -31.53
CA ARG B 27 7.47 -6.19 -31.86
C ARG B 27 7.21 -7.00 -30.59
N LYS B 28 8.13 -6.91 -29.62
CA LYS B 28 7.96 -7.68 -28.39
C LYS B 28 6.81 -7.15 -27.57
N ALA B 29 6.61 -5.82 -27.55
CA ALA B 29 5.48 -5.24 -26.84
C ALA B 29 4.15 -5.69 -27.45
N LYS B 30 4.07 -5.72 -28.78
CA LYS B 30 2.86 -6.23 -29.43
C LYS B 30 2.60 -7.68 -29.04
N LYS B 31 3.65 -8.51 -29.04
CA LYS B 31 3.47 -9.90 -28.60
C LYS B 31 3.05 -9.97 -27.14
N GLY B 32 3.57 -9.06 -26.30
CA GLY B 32 3.19 -9.06 -24.90
C GLY B 32 1.72 -8.71 -24.71
N LEU B 33 1.21 -7.75 -25.50
CA LEU B 33 -0.21 -7.43 -25.42
C LEU B 33 -1.07 -8.64 -25.75
N LEU B 34 -0.65 -9.43 -26.75
CA LEU B 34 -1.44 -10.59 -27.15
C LEU B 34 -1.39 -11.68 -26.09
N ASP B 35 -0.22 -11.88 -25.47
CA ASP B 35 -0.14 -12.88 -24.40
C ASP B 35 -0.92 -12.46 -23.17
N PHE B 36 -0.80 -11.17 -22.80
CA PHE B 36 -1.60 -10.62 -21.72
C PHE B 36 -3.09 -10.86 -21.98
N THR B 37 -3.54 -10.58 -23.20
CA THR B 37 -4.95 -10.81 -23.53
C THR B 37 -5.31 -12.28 -23.43
N ALA B 38 -4.45 -13.15 -23.95
CA ALA B 38 -4.74 -14.58 -23.93
C ALA B 38 -4.85 -15.09 -22.50
N ALA B 39 -3.92 -14.69 -21.63
CA ALA B 39 -3.99 -15.13 -20.24
C ALA B 39 -5.24 -14.59 -19.57
N SER B 40 -5.58 -13.32 -19.80
CA SER B 40 -6.79 -12.75 -19.20
C SER B 40 -8.05 -13.49 -19.68
N PHE B 41 -8.15 -13.74 -20.98
CA PHE B 41 -9.28 -14.49 -21.51
C PHE B 41 -9.36 -15.89 -20.90
N ALA B 42 -8.21 -16.55 -20.75
CA ALA B 42 -8.22 -17.92 -20.24
C ALA B 42 -8.79 -17.97 -18.82
N GLY B 43 -8.67 -16.88 -18.07
CA GLY B 43 -9.19 -16.84 -16.72
C GLY B 43 -10.58 -16.26 -16.55
N ARG B 44 -11.33 -16.10 -17.63
CA ARG B 44 -12.56 -15.30 -17.56
C ARG B 44 -13.62 -15.91 -16.68
N GLU B 45 -13.57 -17.22 -16.39
CA GLU B 45 -14.57 -17.87 -15.55
C GLU B 45 -14.13 -17.98 -14.09
N ASP B 46 -12.98 -17.42 -13.74
CA ASP B 46 -12.49 -17.50 -12.36
C ASP B 46 -13.48 -16.82 -11.41
N LYS B 47 -13.83 -17.53 -10.33
CA LYS B 47 -14.84 -16.99 -9.42
C LYS B 47 -14.36 -15.78 -8.65
N GLY B 48 -13.06 -15.60 -8.48
CA GLY B 48 -12.57 -14.40 -7.83
C GLY B 48 -12.91 -13.13 -8.59
N ILE B 49 -13.02 -13.23 -9.92
CA ILE B 49 -13.41 -12.06 -10.71
C ILE B 49 -14.81 -11.60 -10.30
N GLN B 50 -15.73 -12.54 -10.08
CA GLN B 50 -17.09 -12.14 -9.73
C GLN B 50 -17.16 -11.53 -8.33
N LYS B 51 -16.32 -11.98 -7.40
CA LYS B 51 -16.26 -11.35 -6.08
C LYS B 51 -15.81 -9.90 -6.21
N LEU B 52 -14.82 -9.64 -7.05
CA LEU B 52 -14.31 -8.28 -7.21
C LEU B 52 -15.30 -7.41 -7.98
N LEU B 53 -15.97 -7.97 -8.98
CA LEU B 53 -16.98 -7.22 -9.72
C LEU B 53 -18.11 -6.76 -8.79
N ARG B 54 -18.59 -7.64 -7.92
CA ARG B 54 -19.63 -7.25 -6.98
C ARG B 54 -19.13 -6.16 -6.05
N LEU B 55 -17.85 -6.23 -5.67
CA LEU B 55 -17.27 -5.19 -4.82
C LEU B 55 -17.29 -3.83 -5.50
N ILE B 56 -16.81 -3.75 -6.74
CA ILE B 56 -16.77 -2.43 -7.37
C ILE B 56 -18.15 -1.99 -7.84
N GLU B 57 -19.07 -2.93 -8.09
CA GLU B 57 -20.43 -2.54 -8.42
C GLU B 57 -21.13 -1.92 -7.21
N ASP B 58 -20.84 -2.40 -6.01
CA ASP B 58 -21.38 -1.77 -4.81
C ASP B 58 -20.81 -0.37 -4.60
N GLU B 59 -19.55 -0.14 -4.99
CA GLU B 59 -18.97 1.20 -4.89
C GLU B 59 -19.50 2.13 -5.96
N GLY B 60 -19.75 1.62 -7.17
CA GLY B 60 -20.08 2.46 -8.30
C GLY B 60 -18.85 3.08 -8.94
N GLY B 61 -19.09 3.79 -10.02
CA GLY B 61 -18.05 4.41 -10.82
C GLY B 61 -18.52 4.57 -12.25
N ARG B 62 -17.85 5.45 -12.97
CA ARG B 62 -18.19 5.71 -14.36
C ARG B 62 -17.71 4.56 -15.25
N PRO B 63 -18.55 4.04 -16.15
CA PRO B 63 -18.13 2.92 -17.04
C PRO B 63 -17.23 3.39 -18.18
N LEU B 64 -15.95 3.59 -17.89
CA LEU B 64 -15.02 4.20 -18.85
C LEU B 64 -13.99 3.25 -19.42
N VAL B 65 -13.65 2.18 -18.71
CA VAL B 65 -12.53 1.32 -19.12
C VAL B 65 -13.00 -0.13 -19.13
N PRO B 66 -12.71 -0.89 -20.19
CA PRO B 66 -13.18 -2.28 -20.24
C PRO B 66 -12.57 -3.14 -19.14
N ILE B 67 -13.38 -4.04 -18.60
CA ILE B 67 -12.91 -5.12 -17.76
C ILE B 67 -12.64 -6.29 -18.70
N ILE B 68 -11.36 -6.69 -18.83
CA ILE B 68 -10.95 -7.57 -19.93
C ILE B 68 -11.73 -8.87 -19.89
N GLY B 69 -12.35 -9.23 -21.01
CA GLY B 69 -13.08 -10.48 -21.13
C GLY B 69 -14.37 -10.57 -20.35
N GLN B 70 -14.80 -9.50 -19.67
CA GLN B 70 -15.97 -9.57 -18.83
C GLN B 70 -17.18 -8.83 -19.41
N GLY B 71 -17.04 -8.22 -20.58
CA GLY B 71 -18.18 -7.59 -21.23
C GLY B 71 -18.74 -6.38 -20.53
N LYS B 72 -17.93 -5.65 -19.76
CA LYS B 72 -18.42 -4.45 -19.10
C LYS B 72 -17.27 -3.48 -18.90
N LYS B 73 -17.61 -2.26 -18.47
CA LYS B 73 -16.64 -1.22 -18.22
C LYS B 73 -16.77 -0.74 -16.77
N ALA B 74 -15.70 -0.13 -16.27
CA ALA B 74 -15.67 0.39 -14.92
C ALA B 74 -14.79 1.63 -14.90
N ALA B 75 -14.65 2.23 -13.72
CA ALA B 75 -13.84 3.43 -13.57
C ALA B 75 -12.36 3.09 -13.72
N PRO B 76 -11.53 4.06 -14.12
CA PRO B 76 -10.12 3.74 -14.39
C PRO B 76 -9.38 3.06 -13.23
N LEU B 77 -9.45 3.61 -12.02
CA LEU B 77 -8.73 2.99 -10.91
C LEU B 77 -9.31 1.61 -10.56
N GLN B 78 -10.63 1.45 -10.67
CA GLN B 78 -11.23 0.15 -10.46
C GLN B 78 -10.78 -0.84 -11.54
N SER B 79 -10.72 -0.38 -12.78
CA SER B 79 -10.34 -1.28 -13.87
C SER B 79 -8.93 -1.79 -13.70
N ALA B 80 -8.02 -0.96 -13.17
CA ALA B 80 -6.64 -1.41 -12.99
C ALA B 80 -6.59 -2.53 -11.96
N MET B 81 -7.37 -2.40 -10.88
CA MET B 81 -7.42 -3.44 -9.87
C MET B 81 -8.01 -4.74 -10.44
N LEU B 82 -9.14 -4.64 -11.15
CA LEU B 82 -9.77 -5.82 -11.71
C LEU B 82 -8.91 -6.47 -12.78
N ASN B 83 -8.39 -5.67 -13.71
CA ASN B 83 -7.69 -6.26 -14.85
C ASN B 83 -6.34 -6.85 -14.47
N GLY B 84 -5.69 -6.31 -13.44
CA GLY B 84 -4.49 -6.94 -12.92
C GLY B 84 -4.78 -8.29 -12.29
N PHE B 85 -5.86 -8.37 -11.49
CA PHE B 85 -6.24 -9.67 -10.93
C PHE B 85 -6.53 -10.67 -12.05
N ILE B 86 -7.31 -10.24 -13.04
CA ILE B 86 -7.73 -11.14 -14.12
C ILE B 86 -6.53 -11.71 -14.85
N ALA B 87 -5.55 -10.85 -15.16
CA ALA B 87 -4.39 -11.28 -15.95
C ALA B 87 -3.52 -12.28 -15.20
N HIS B 88 -3.47 -12.21 -13.87
CA HIS B 88 -2.56 -13.00 -13.06
C HIS B 88 -3.24 -14.18 -12.36
N ALA B 89 -4.57 -14.29 -12.46
CA ALA B 89 -5.32 -15.19 -11.60
C ALA B 89 -4.99 -16.67 -11.84
N LEU B 90 -4.58 -17.02 -13.05
CA LEU B 90 -4.30 -18.41 -13.39
C LEU B 90 -2.83 -18.76 -13.36
N ASP B 91 -1.95 -17.81 -13.01
CA ASP B 91 -0.50 -18.03 -13.14
C ASP B 91 -0.12 -18.40 -14.59
N PHE B 92 -0.87 -17.84 -15.54
CA PHE B 92 -0.70 -18.09 -16.98
C PHE B 92 -0.06 -16.90 -17.70
N ASP B 93 0.20 -15.81 -16.98
CA ASP B 93 0.69 -14.56 -17.52
C ASP B 93 2.22 -14.53 -17.48
N ASP B 94 2.81 -13.49 -18.07
CA ASP B 94 4.22 -13.59 -18.46
C ASP B 94 5.15 -13.41 -17.25
N VAL B 95 6.43 -13.73 -17.46
CA VAL B 95 7.44 -13.61 -16.42
C VAL B 95 8.70 -13.01 -17.03
N HIS B 96 9.56 -12.51 -16.15
CA HIS B 96 10.78 -11.83 -16.57
C HIS B 96 11.86 -12.10 -15.53
N SER B 97 13.02 -12.55 -16.01
CA SER B 97 14.10 -12.97 -15.10
C SER B 97 14.56 -11.86 -14.17
N ASP B 98 14.53 -10.59 -14.60
CA ASP B 98 14.96 -9.52 -13.71
C ASP B 98 13.87 -9.17 -12.70
N VAL B 99 12.61 -9.22 -13.14
CA VAL B 99 11.49 -8.72 -12.33
C VAL B 99 11.23 -9.65 -11.15
N ARG B 100 11.37 -10.96 -11.35
CA ARG B 100 10.95 -11.97 -10.38
C ARG B 100 9.52 -11.71 -9.94
N GLY B 101 8.64 -11.49 -10.92
CA GLY B 101 7.28 -11.11 -10.63
C GLY B 101 6.44 -11.16 -11.88
N ALA B 102 5.34 -10.42 -11.87
CA ALA B 102 4.37 -10.48 -12.97
C ALA B 102 4.31 -9.13 -13.68
N PRO B 103 5.20 -8.86 -14.65
CA PRO B 103 5.35 -7.50 -15.14
C PRO B 103 4.15 -7.00 -15.96
N SER B 104 3.67 -7.79 -16.92
CA SER B 104 2.59 -7.29 -17.76
C SER B 104 1.26 -7.26 -17.04
N ALA B 105 1.05 -8.16 -16.07
CA ALA B 105 -0.18 -8.12 -15.28
C ALA B 105 -0.29 -6.85 -14.44
N VAL B 106 0.83 -6.19 -14.17
CA VAL B 106 0.80 -4.89 -13.49
C VAL B 106 0.73 -3.74 -14.48
N ILE B 107 1.61 -3.77 -15.48
CA ILE B 107 1.83 -2.60 -16.32
C ILE B 107 0.69 -2.41 -17.31
N VAL B 108 0.23 -3.48 -17.94
CA VAL B 108 -0.76 -3.32 -19.01
C VAL B 108 -2.10 -2.84 -18.45
N PRO B 109 -2.59 -3.33 -17.31
CA PRO B 109 -3.85 -2.76 -16.78
C PRO B 109 -3.76 -1.29 -16.46
N ALA B 110 -2.63 -0.82 -15.92
CA ALA B 110 -2.48 0.61 -15.71
C ALA B 110 -2.54 1.36 -17.02
N LEU B 111 -1.87 0.83 -18.05
CA LEU B 111 -1.86 1.50 -19.35
C LEU B 111 -3.19 1.40 -20.07
N ILE B 112 -3.94 0.31 -19.89
CA ILE B 112 -5.27 0.20 -20.50
C ILE B 112 -6.18 1.30 -19.96
N ALA B 113 -6.11 1.54 -18.64
CA ALA B 113 -6.89 2.62 -18.01
C ALA B 113 -6.45 3.98 -18.50
N SER B 114 -5.15 4.19 -18.69
CA SER B 114 -4.67 5.44 -19.24
C SER B 114 -5.11 5.61 -20.69
N ALA B 115 -4.91 4.57 -21.50
CA ALA B 115 -5.19 4.67 -22.93
C ALA B 115 -6.67 4.86 -23.22
N ALA B 116 -7.55 4.31 -22.37
CA ALA B 116 -8.98 4.49 -22.55
C ALA B 116 -9.38 5.96 -22.40
N ARG B 117 -8.55 6.79 -21.78
CA ARG B 117 -8.85 8.19 -21.51
C ARG B 117 -7.99 9.14 -22.33
N GLY B 118 -7.21 8.63 -23.27
CA GLY B 118 -6.31 9.44 -24.09
C GLY B 118 -4.91 8.87 -24.10
N HIS B 119 -4.08 9.46 -24.97
CA HIS B 119 -2.69 9.01 -25.15
C HIS B 119 -2.61 7.51 -25.42
N ASP B 120 -3.67 6.91 -25.96
CA ASP B 120 -3.58 5.53 -26.41
C ASP B 120 -2.44 5.33 -27.41
N GLU B 121 -2.06 6.37 -28.16
CA GLU B 121 -0.98 6.25 -29.13
C GLU B 121 0.40 6.11 -28.48
N ARG B 122 0.51 6.25 -27.16
CA ARG B 122 1.79 6.06 -26.49
C ARG B 122 1.82 4.78 -25.66
N LEU B 123 0.78 3.95 -25.73
CA LEU B 123 0.72 2.75 -24.89
C LEU B 123 1.87 1.79 -25.17
N LEU B 124 2.20 1.54 -26.45
CA LEU B 124 3.25 0.56 -26.73
C LEU B 124 4.62 1.02 -26.19
N GLY B 125 4.97 2.28 -26.42
CA GLY B 125 6.22 2.76 -25.87
C GLY B 125 6.21 2.77 -24.36
N ALA B 126 5.06 3.11 -23.77
CA ALA B 126 4.94 3.12 -22.32
C ALA B 126 5.10 1.72 -21.73
N TYR B 127 4.58 0.71 -22.44
CA TYR B 127 4.72 -0.68 -22.01
C TYR B 127 6.19 -1.09 -21.98
N ILE B 128 6.92 -0.77 -23.05
CA ILE B 128 8.36 -1.03 -23.08
C ILE B 128 9.05 -0.36 -21.89
N VAL B 129 8.68 0.88 -21.62
CA VAL B 129 9.33 1.66 -20.56
C VAL B 129 8.95 1.10 -19.20
N GLY B 130 7.68 0.69 -19.03
CA GLY B 130 7.27 0.10 -17.76
C GLY B 130 8.01 -1.19 -17.47
N VAL B 131 8.19 -2.05 -18.49
CA VAL B 131 8.96 -3.28 -18.30
C VAL B 131 10.40 -2.94 -17.94
N GLU B 132 10.95 -1.92 -18.58
CA GLU B 132 12.30 -1.45 -18.27
C GLU B 132 12.44 -1.10 -16.80
N VAL B 133 11.48 -0.35 -16.27
CA VAL B 133 11.55 0.03 -14.86
C VAL B 133 11.40 -1.19 -13.96
N MET B 134 10.39 -2.02 -14.20
CA MET B 134 10.17 -3.13 -13.27
C MET B 134 11.35 -4.11 -13.29
N ALA B 135 11.93 -4.35 -14.47
CA ALA B 135 13.13 -5.19 -14.53
C ALA B 135 14.28 -4.57 -13.76
N ARG B 136 14.52 -3.27 -13.97
CA ARG B 136 15.63 -2.63 -13.26
C ARG B 136 15.37 -2.54 -11.76
N LEU B 137 14.11 -2.32 -11.36
CA LEU B 137 13.80 -2.35 -9.93
C LEU B 137 14.11 -3.72 -9.34
N GLY B 138 13.72 -4.79 -10.05
CA GLY B 138 13.98 -6.13 -9.53
C GLY B 138 15.46 -6.46 -9.45
N GLU B 139 16.23 -6.01 -10.43
CA GLU B 139 17.68 -6.18 -10.38
C GLU B 139 18.30 -5.34 -9.28
N SER B 140 17.75 -4.15 -9.01
CA SER B 140 18.41 -3.19 -8.14
C SER B 140 18.06 -3.38 -6.66
N ILE B 141 16.88 -3.94 -6.36
CA ILE B 141 16.40 -3.89 -4.98
C ILE B 141 17.21 -4.82 -4.07
N GLY B 142 17.85 -5.83 -4.64
CA GLY B 142 18.62 -6.80 -3.89
C GLY B 142 17.82 -8.05 -3.58
N SER B 143 18.53 -9.17 -3.42
CA SER B 143 17.88 -10.47 -3.20
C SER B 143 17.21 -10.57 -1.84
N ARG B 144 17.64 -9.79 -0.85
CA ARG B 144 17.03 -9.87 0.48
C ARG B 144 15.57 -9.41 0.46
N HIS B 145 15.19 -8.55 -0.50
CA HIS B 145 13.83 -8.03 -0.56
C HIS B 145 12.82 -9.16 -0.64
N TYR B 146 12.98 -10.03 -1.63
CA TYR B 146 12.10 -11.19 -1.78
C TYR B 146 12.29 -12.17 -0.63
N GLU B 147 13.54 -12.43 -0.24
CA GLU B 147 13.80 -13.43 0.79
C GLU B 147 13.14 -13.06 2.11
N LYS B 148 13.15 -11.78 2.47
CA LYS B 148 12.51 -11.32 3.71
C LYS B 148 11.00 -11.52 3.70
N GLY B 149 10.38 -11.58 2.53
CA GLY B 149 8.94 -11.81 2.46
C GLY B 149 8.14 -10.83 1.62
N TRP B 150 8.81 -9.89 0.94
CA TRP B 150 8.08 -8.97 0.07
C TRP B 150 7.83 -9.61 -1.29
N HIS B 151 6.70 -9.22 -1.90
CA HIS B 151 6.26 -9.77 -3.18
C HIS B 151 6.54 -8.73 -4.26
N ASN B 152 7.53 -9.02 -5.12
CA ASN B 152 8.02 -8.03 -6.09
C ASN B 152 6.88 -7.45 -6.91
N THR B 153 5.94 -8.29 -7.33
CA THR B 153 4.82 -7.82 -8.14
C THR B 153 4.12 -6.64 -7.47
N GLY B 154 3.94 -6.71 -6.16
CA GLY B 154 3.29 -5.62 -5.46
C GLY B 154 4.23 -4.47 -5.14
N THR B 155 5.41 -4.79 -4.60
CA THR B 155 6.27 -3.73 -4.08
C THR B 155 6.98 -2.94 -5.19
N LEU B 156 7.35 -3.60 -6.29
CA LEU B 156 8.00 -2.89 -7.38
C LEU B 156 7.02 -2.54 -8.50
N GLY B 157 5.87 -3.21 -8.55
CA GLY B 157 4.93 -2.96 -9.62
C GLY B 157 4.28 -1.59 -9.57
N ALA B 158 4.03 -1.06 -8.37
CA ALA B 158 3.38 0.26 -8.29
C ALA B 158 4.25 1.32 -8.95
N ILE B 159 5.55 1.31 -8.66
CA ILE B 159 6.47 2.27 -9.24
C ILE B 159 6.58 2.07 -10.75
N ALA B 160 6.65 0.81 -11.18
CA ALA B 160 6.77 0.56 -12.62
C ALA B 160 5.52 1.02 -13.36
N ALA B 161 4.35 0.82 -12.75
CA ALA B 161 3.12 1.27 -13.39
C ALA B 161 3.06 2.79 -13.45
N ALA B 162 3.46 3.46 -12.36
CA ALA B 162 3.51 4.92 -12.37
C ALA B 162 4.41 5.43 -13.48
N CYS B 163 5.57 4.80 -13.68
CA CYS B 163 6.49 5.26 -14.72
C CYS B 163 5.93 5.01 -16.10
N ALA B 164 5.30 3.85 -16.32
CA ALA B 164 4.70 3.56 -17.61
C ALA B 164 3.62 4.59 -17.94
N VAL B 165 2.67 4.77 -17.02
CA VAL B 165 1.60 5.75 -17.27
C VAL B 165 2.19 7.16 -17.33
N GLY B 166 3.20 7.43 -16.52
CA GLY B 166 3.84 8.74 -16.55
C GLY B 166 4.47 9.03 -17.91
N TYR B 167 5.04 8.00 -18.54
CA TYR B 167 5.52 8.14 -19.91
C TYR B 167 4.35 8.32 -20.87
N ALA B 168 3.34 7.46 -20.76
CA ALA B 168 2.17 7.55 -21.65
C ALA B 168 1.56 8.95 -21.63
N GLU B 169 1.42 9.54 -20.45
CA GLU B 169 0.74 10.83 -20.32
C GLU B 169 1.67 12.02 -20.37
N GLU B 170 2.95 11.81 -20.70
CA GLU B 170 3.92 12.89 -20.90
C GLU B 170 4.05 13.80 -19.69
N LEU B 171 4.16 13.19 -18.51
CA LEU B 171 4.47 13.96 -17.30
C LEU B 171 5.80 14.70 -17.44
N THR B 172 5.88 15.89 -16.83
CA THR B 172 7.14 16.62 -16.72
C THR B 172 8.09 15.93 -15.75
N GLN B 173 9.33 16.40 -15.72
CA GLN B 173 10.31 15.88 -14.77
C GLN B 173 9.78 15.95 -13.34
N GLU B 174 9.26 17.11 -12.94
CA GLU B 174 8.77 17.27 -11.56
C GLU B 174 7.55 16.40 -11.30
N GLU B 175 6.61 16.33 -12.24
CA GLU B 175 5.44 15.48 -12.07
C GLU B 175 5.84 14.02 -11.90
N LEU B 176 6.80 13.56 -12.69
CA LEU B 176 7.19 12.15 -12.65
C LEU B 176 7.98 11.84 -11.38
N GLU B 177 8.85 12.77 -10.96
CA GLU B 177 9.54 12.57 -9.68
C GLU B 177 8.55 12.37 -8.55
N LYS B 178 7.48 13.18 -8.52
CA LYS B 178 6.43 13.06 -7.52
C LYS B 178 5.63 11.77 -7.69
N ALA B 179 5.26 11.41 -8.92
CA ALA B 179 4.52 10.17 -9.14
C ALA B 179 5.33 8.96 -8.68
N ILE B 180 6.63 8.94 -8.92
CA ILE B 180 7.46 7.85 -8.41
C ILE B 180 7.36 7.77 -6.88
N GLY B 181 7.38 8.93 -6.21
CA GLY B 181 7.25 8.93 -4.76
C GLY B 181 5.87 8.57 -4.28
N PHE B 182 4.83 9.00 -5.01
CA PHE B 182 3.47 8.61 -4.66
C PHE B 182 3.27 7.10 -4.78
N ALA B 183 3.94 6.47 -5.75
CA ALA B 183 3.84 5.03 -5.88
C ALA B 183 4.66 4.33 -4.79
N ALA B 184 5.87 4.82 -4.54
CA ALA B 184 6.73 4.20 -3.53
C ALA B 184 6.07 4.21 -2.16
N THR B 185 5.43 5.33 -1.80
CA THR B 185 4.79 5.43 -0.50
C THR B 185 3.55 4.56 -0.38
N GLN B 186 3.09 3.95 -1.48
CA GLN B 186 2.03 2.96 -1.43
C GLN B 186 2.54 1.53 -1.63
N SER B 187 3.81 1.35 -1.95
CA SER B 187 4.31 0.04 -2.35
C SER B 187 4.23 -0.97 -1.20
N ALA B 188 3.67 -2.13 -1.50
CA ALA B 188 3.40 -3.14 -0.48
C ALA B 188 3.15 -4.48 -1.14
N GLY B 189 3.05 -5.52 -0.31
CA GLY B 189 2.69 -6.84 -0.81
C GLY B 189 3.55 -7.92 -0.20
N MET B 190 2.90 -8.91 0.40
CA MET B 190 3.56 -9.91 1.23
C MET B 190 3.42 -11.28 0.61
N ARG B 191 4.54 -12.02 0.56
CA ARG B 191 4.51 -13.38 0.02
C ARG B 191 3.70 -14.35 0.87
N VAL B 192 3.37 -13.99 2.11
CA VAL B 192 2.47 -14.83 2.88
C VAL B 192 1.14 -15.06 2.15
N GLN B 193 0.82 -14.22 1.14
CA GLN B 193 -0.43 -14.38 0.40
C GLN B 193 -0.33 -15.39 -0.73
N PHE B 194 0.85 -15.94 -0.99
CA PHE B 194 0.98 -16.95 -2.05
C PHE B 194 0.08 -18.13 -1.74
N GLY B 195 -0.40 -18.79 -2.79
CA GLY B 195 -1.36 -19.87 -2.62
C GLY B 195 -2.80 -19.43 -2.45
N THR B 196 -3.07 -18.12 -2.44
CA THR B 196 -4.43 -17.60 -2.33
C THR B 196 -4.66 -16.57 -3.43
N GLU B 197 -5.92 -16.23 -3.66
CA GLU B 197 -6.20 -15.28 -4.75
C GLU B 197 -5.84 -13.84 -4.38
N MET B 198 -5.39 -13.60 -3.15
CA MET B 198 -4.82 -12.29 -2.85
C MET B 198 -3.51 -12.07 -3.61
N LYS B 199 -2.78 -13.15 -3.90
CA LYS B 199 -1.53 -13.00 -4.66
C LYS B 199 -1.78 -12.36 -6.02
N PRO B 200 -2.68 -12.86 -6.88
CA PRO B 200 -2.94 -12.12 -8.12
C PRO B 200 -3.55 -10.75 -7.89
N LEU B 201 -4.31 -10.53 -6.81
CA LEU B 201 -4.84 -9.19 -6.59
C LEU B 201 -3.72 -8.18 -6.35
N HIS B 202 -2.56 -8.62 -5.83
CA HIS B 202 -1.42 -7.71 -5.69
C HIS B 202 -1.09 -7.03 -7.02
N ALA B 203 -1.21 -7.76 -8.14
CA ALA B 203 -0.91 -7.13 -9.43
C ALA B 203 -1.87 -5.99 -9.74
N GLY B 204 -3.17 -6.19 -9.46
CA GLY B 204 -4.14 -5.13 -9.70
C GLY B 204 -4.01 -3.97 -8.73
N LEU B 205 -3.72 -4.25 -7.45
CA LEU B 205 -3.55 -3.17 -6.51
C LEU B 205 -2.29 -2.36 -6.81
N ALA B 206 -1.26 -3.02 -7.33
CA ALA B 206 -0.07 -2.28 -7.76
C ALA B 206 -0.37 -1.42 -8.98
N ALA B 207 -1.10 -1.97 -9.96
CA ALA B 207 -1.50 -1.18 -11.12
C ALA B 207 -2.33 0.03 -10.70
N GLN B 208 -3.27 -0.21 -9.79
CA GLN B 208 -4.12 0.87 -9.30
C GLN B 208 -3.28 1.93 -8.58
N ALA B 209 -2.35 1.50 -7.73
CA ALA B 209 -1.54 2.46 -6.97
C ALA B 209 -0.68 3.30 -7.90
N GLY B 210 -0.13 2.70 -8.97
CA GLY B 210 0.68 3.46 -9.91
C GLY B 210 -0.15 4.44 -10.73
N LEU B 211 -1.36 4.04 -11.11
CA LEU B 211 -2.26 4.95 -11.80
C LEU B 211 -2.68 6.10 -10.88
N LEU B 212 -2.99 5.79 -9.62
CA LEU B 212 -3.33 6.84 -8.68
C LEU B 212 -2.17 7.82 -8.51
N ALA B 213 -0.94 7.31 -8.44
CA ALA B 213 0.24 8.15 -8.32
C ALA B 213 0.32 9.17 -9.46
N VAL B 214 0.08 8.73 -10.68
CA VAL B 214 0.12 9.66 -11.81
C VAL B 214 -1.02 10.67 -11.71
N LYS B 215 -2.21 10.22 -11.34
CA LYS B 215 -3.35 11.14 -11.25
C LYS B 215 -3.15 12.17 -10.15
N LEU B 216 -2.49 11.79 -9.05
CA LEU B 216 -2.15 12.77 -8.02
C LEU B 216 -1.18 13.81 -8.58
N ALA B 217 -0.13 13.36 -9.26
CA ALA B 217 0.83 14.31 -9.81
C ALA B 217 0.15 15.25 -10.81
N GLN B 218 -0.76 14.71 -11.64
CA GLN B 218 -1.44 15.55 -12.61
C GLN B 218 -2.38 16.54 -11.95
N SER B 219 -2.87 16.21 -10.76
CA SER B 219 -3.72 17.10 -9.98
C SER B 219 -2.93 18.16 -9.22
N GLU B 220 -1.61 18.21 -9.42
CA GLU B 220 -0.73 19.13 -8.71
C GLU B 220 -0.73 18.87 -7.20
N PHE B 221 -1.00 17.62 -6.81
CA PHE B 221 -0.87 17.24 -5.41
C PHE B 221 0.60 17.34 -4.98
N GLY B 222 0.84 17.81 -3.76
CA GLY B 222 2.20 17.93 -3.27
C GLY B 222 2.78 16.61 -2.78
N GLY B 223 4.10 16.48 -2.89
CA GLY B 223 4.75 15.24 -2.49
C GLY B 223 6.25 15.37 -2.65
N SER B 224 6.96 14.41 -2.07
CA SER B 224 8.42 14.41 -2.16
C SER B 224 8.85 14.18 -3.61
N ARG B 225 9.93 14.85 -4.00
CA ARG B 225 10.55 14.62 -5.31
C ARG B 225 11.80 13.76 -5.20
N THR B 226 12.07 13.20 -4.01
CA THR B 226 13.33 12.50 -3.77
C THR B 226 13.10 11.17 -3.04
N ALA B 227 11.99 10.47 -3.33
CA ALA B 227 11.62 9.32 -2.53
C ALA B 227 12.58 8.14 -2.66
N PHE B 228 13.39 8.09 -3.71
CA PHE B 228 14.38 7.01 -3.84
C PHE B 228 15.67 7.29 -3.06
N ASP B 229 15.88 8.54 -2.67
CA ASP B 229 17.19 9.06 -2.26
C ASP B 229 17.34 9.04 -0.74
N GLY B 230 18.58 8.85 -0.30
CA GLY B 230 18.91 9.11 1.09
C GLY B 230 18.70 7.91 1.99
N GLU B 231 18.91 8.17 3.28
CA GLU B 231 18.95 7.09 4.27
C GLU B 231 17.57 6.54 4.58
N THR B 232 16.50 7.31 4.36
CA THR B 232 15.14 6.82 4.55
C THR B 232 14.41 6.69 3.22
N GLY B 233 15.15 6.69 2.11
CA GLY B 233 14.53 6.52 0.81
C GLY B 233 14.12 5.08 0.55
N PHE B 234 13.46 4.90 -0.61
CA PHE B 234 12.83 3.61 -0.91
C PHE B 234 13.83 2.46 -0.89
N PHE B 235 15.02 2.66 -1.46
CA PHE B 235 15.96 1.54 -1.53
C PHE B 235 16.59 1.26 -0.18
N SER B 236 16.86 2.29 0.63
CA SER B 236 17.34 2.04 1.99
C SER B 236 16.30 1.29 2.82
N LEU B 237 15.03 1.63 2.62
CA LEU B 237 13.95 1.09 3.43
C LEU B 237 13.63 -0.35 3.06
N TYR B 238 13.58 -0.66 1.76
CA TYR B 238 13.11 -1.96 1.29
C TYR B 238 14.20 -2.83 0.70
N GLY B 239 15.40 -2.30 0.49
CA GLY B 239 16.37 -3.10 -0.20
C GLY B 239 17.80 -2.67 0.01
N ASP B 240 18.55 -2.58 -1.09
CA ASP B 240 19.99 -2.39 -1.10
C ASP B 240 20.29 -1.13 -1.89
N VAL B 241 20.45 0.00 -1.19
CA VAL B 241 20.63 1.26 -1.91
C VAL B 241 21.99 1.32 -2.61
N GLU B 242 23.03 0.69 -2.04
CA GLU B 242 24.32 0.70 -2.73
C GLU B 242 24.26 -0.06 -4.05
N LYS B 243 23.55 -1.19 -4.08
CA LYS B 243 23.37 -1.90 -5.34
C LYS B 243 22.59 -1.04 -6.34
N ALA B 244 21.48 -0.44 -5.89
CA ALA B 244 20.68 0.39 -6.78
C ALA B 244 21.48 1.53 -7.36
N GLN B 245 22.38 2.13 -6.57
CA GLN B 245 23.19 3.22 -7.08
C GLN B 245 24.08 2.77 -8.23
N HIS B 246 24.42 1.48 -8.29
CA HIS B 246 25.28 0.98 -9.36
C HIS B 246 24.53 0.36 -10.52
N THR B 247 23.29 -0.06 -10.32
CA THR B 247 22.59 -0.86 -11.33
C THR B 247 21.36 -0.20 -11.92
N LEU B 248 20.70 0.71 -11.19
CA LEU B 248 19.36 1.14 -11.59
C LEU B 248 19.36 1.77 -12.98
N LEU B 249 20.31 2.67 -13.25
CA LEU B 249 20.27 3.47 -14.46
C LEU B 249 21.32 3.08 -15.50
N ASN B 250 22.16 2.08 -15.21
CA ASN B 250 23.26 1.76 -16.11
C ASN B 250 22.76 1.20 -17.45
N ASP B 251 23.20 1.81 -18.55
CA ASP B 251 22.91 1.34 -19.91
C ASP B 251 21.42 1.31 -20.20
N TRP B 252 20.73 2.37 -19.79
CA TRP B 252 19.27 2.46 -19.95
C TRP B 252 18.85 2.24 -21.40
N GLY B 253 17.88 1.34 -21.59
CA GLY B 253 17.25 1.14 -22.89
C GLY B 253 18.14 0.61 -23.99
N ALA B 254 19.21 -0.10 -23.63
CA ALA B 254 20.28 -0.42 -24.58
C ALA B 254 20.91 -1.74 -24.18
N PRO B 255 20.28 -2.87 -24.53
CA PRO B 255 18.99 -2.96 -25.23
C PRO B 255 17.85 -2.96 -24.21
N TRP B 256 16.61 -2.80 -24.67
CA TRP B 256 15.47 -2.76 -23.76
C TRP B 256 15.28 -4.12 -23.09
N ARG B 257 15.00 -4.08 -21.77
CA ARG B 257 14.84 -5.31 -20.99
C ARG B 257 13.68 -6.16 -21.48
N ILE B 258 12.69 -5.54 -22.13
CA ILE B 258 11.57 -6.31 -22.65
C ILE B 258 12.05 -7.27 -23.73
N VAL B 259 13.15 -6.93 -24.40
CA VAL B 259 13.77 -7.83 -25.37
C VAL B 259 14.86 -8.69 -24.72
N GLN B 260 15.79 -8.08 -23.99
CA GLN B 260 16.93 -8.79 -23.41
C GLN B 260 17.04 -8.40 -21.95
N PRO B 261 16.89 -9.35 -21.01
CA PRO B 261 16.76 -10.80 -21.25
C PRO B 261 15.39 -11.20 -21.81
N GLY B 262 14.40 -10.35 -21.68
CA GLY B 262 13.18 -10.56 -22.44
C GLY B 262 12.06 -11.16 -21.61
N LEU B 263 10.83 -10.89 -22.04
CA LEU B 263 9.65 -11.51 -21.44
C LEU B 263 9.51 -12.95 -21.91
N TRP B 264 9.04 -13.80 -21.00
CA TRP B 264 8.75 -15.20 -21.29
C TRP B 264 7.24 -15.36 -21.29
N PHE B 265 6.69 -15.80 -22.42
CA PHE B 265 5.25 -16.02 -22.59
C PHE B 265 4.96 -17.52 -22.40
N LYS B 266 4.12 -17.83 -21.42
CA LYS B 266 3.94 -19.21 -20.96
C LYS B 266 3.06 -20.02 -21.90
N ILE B 267 3.45 -21.27 -22.15
CA ILE B 267 2.52 -22.21 -22.77
C ILE B 267 1.78 -23.04 -21.73
N TYR B 268 2.18 -22.99 -20.46
CA TYR B 268 1.50 -23.74 -19.42
C TYR B 268 0.97 -22.82 -18.34
N PRO B 269 -0.22 -23.10 -17.81
CA PRO B 269 -0.81 -22.26 -16.74
C PRO B 269 -0.38 -22.71 -15.35
N PHE B 270 0.92 -22.64 -15.08
CA PHE B 270 1.43 -22.92 -13.74
C PHE B 270 2.83 -22.33 -13.62
N CYS B 271 3.46 -22.60 -12.48
CA CYS B 271 4.71 -21.92 -12.12
C CYS B 271 5.77 -22.15 -13.19
N SER B 272 6.43 -21.06 -13.59
CA SER B 272 7.44 -21.15 -14.64
C SER B 272 8.55 -22.15 -14.29
N ALA B 273 8.85 -22.32 -13.00
CA ALA B 273 9.92 -23.25 -12.62
C ALA B 273 9.59 -24.71 -12.94
N ALA B 274 8.33 -25.04 -13.22
CA ALA B 274 7.97 -26.40 -13.63
C ALA B 274 7.90 -26.57 -15.15
N HIS B 275 8.16 -25.50 -15.91
CA HIS B 275 8.01 -25.60 -17.36
C HIS B 275 9.09 -26.46 -17.99
N HIS B 276 10.32 -26.45 -17.44
CA HIS B 276 11.37 -27.31 -17.99
C HIS B 276 10.97 -28.78 -17.89
N ALA B 277 10.49 -29.20 -16.71
CA ALA B 277 10.05 -30.58 -16.54
C ALA B 277 8.83 -30.89 -17.40
N ALA B 278 7.92 -29.93 -17.55
CA ALA B 278 6.75 -30.14 -18.40
C ALA B 278 7.18 -30.42 -19.84
N ASP B 279 8.05 -29.57 -20.39
CA ASP B 279 8.59 -29.83 -21.73
C ASP B 279 9.30 -31.17 -21.80
N ALA B 280 10.11 -31.49 -20.79
CA ALA B 280 10.91 -32.71 -20.85
C ALA B 280 10.04 -33.95 -20.80
N VAL B 281 9.04 -33.99 -19.91
CA VAL B 281 8.21 -35.19 -19.81
C VAL B 281 7.34 -35.34 -21.07
N ARG B 282 6.92 -34.24 -21.68
CA ARG B 282 6.17 -34.36 -22.92
C ARG B 282 7.04 -34.90 -24.04
N GLN B 283 8.33 -34.54 -24.07
CA GLN B 283 9.25 -35.17 -25.02
C GLN B 283 9.32 -36.67 -24.82
N LEU B 284 9.42 -37.12 -23.56
CA LEU B 284 9.52 -38.56 -23.29
C LEU B 284 8.24 -39.30 -23.65
N ILE B 285 7.10 -38.71 -23.33
CA ILE B 285 5.82 -39.31 -23.72
C ILE B 285 5.71 -39.39 -25.24
N SER B 286 6.20 -38.36 -25.94
CA SER B 286 6.08 -38.35 -27.40
C SER B 286 7.07 -39.31 -28.04
N GLU B 287 8.34 -39.26 -27.64
CA GLU B 287 9.35 -40.07 -28.31
C GLU B 287 9.45 -41.49 -27.77
N GLU B 288 9.17 -41.71 -26.49
CA GLU B 288 9.37 -43.02 -25.88
C GLU B 288 8.06 -43.69 -25.46
N THR B 289 6.93 -43.01 -25.60
CA THR B 289 5.61 -43.55 -25.21
C THR B 289 5.59 -44.02 -23.75
N ILE B 290 6.26 -43.27 -22.87
CA ILE B 290 6.13 -43.59 -21.45
C ILE B 290 4.76 -43.15 -20.95
N SER B 291 4.33 -43.79 -19.87
CA SER B 291 3.00 -43.57 -19.33
C SER B 291 3.04 -43.88 -17.84
N ALA B 292 2.00 -43.44 -17.12
CA ALA B 292 1.93 -43.80 -15.71
C ALA B 292 1.89 -45.32 -15.55
N ALA B 293 1.26 -46.01 -16.50
CA ALA B 293 1.15 -47.46 -16.43
C ALA B 293 2.50 -48.15 -16.59
N ASN B 294 3.36 -47.67 -17.50
CA ASN B 294 4.59 -48.39 -17.79
C ASN B 294 5.84 -47.80 -17.13
N THR B 295 5.68 -46.82 -16.24
CA THR B 295 6.83 -46.28 -15.49
C THR B 295 6.73 -46.72 -14.03
N GLU B 296 7.85 -47.22 -13.49
CA GLU B 296 7.88 -47.53 -12.06
C GLU B 296 7.91 -46.26 -11.22
N ARG B 297 8.74 -45.30 -11.63
CA ARG B 297 8.98 -44.09 -10.85
C ARG B 297 9.73 -43.11 -11.74
N ILE B 298 9.83 -41.87 -11.26
CA ILE B 298 10.43 -40.77 -12.00
C ILE B 298 11.45 -40.11 -11.06
N GLU B 299 12.61 -39.74 -11.60
CA GLU B 299 13.53 -38.84 -10.92
C GLU B 299 13.59 -37.54 -11.70
N VAL B 300 13.47 -36.42 -10.98
CA VAL B 300 13.50 -35.08 -11.56
C VAL B 300 14.74 -34.39 -11.00
N ILE B 301 15.66 -34.01 -11.87
CA ILE B 301 16.97 -33.53 -11.45
C ILE B 301 17.01 -32.01 -11.68
N PHE B 302 17.29 -31.26 -10.61
CA PHE B 302 17.50 -29.82 -10.67
C PHE B 302 18.92 -29.48 -10.27
N PRO B 303 19.46 -28.34 -10.72
CA PRO B 303 20.56 -27.74 -10.00
C PRO B 303 20.09 -27.30 -8.63
N PRO B 304 20.99 -27.21 -7.66
CA PRO B 304 20.59 -26.75 -6.32
C PRO B 304 19.86 -25.42 -6.41
N GLY B 305 18.71 -25.34 -5.73
CA GLY B 305 17.90 -24.14 -5.75
C GLY B 305 16.99 -23.98 -6.96
N GLY B 306 17.13 -24.81 -7.99
CA GLY B 306 16.35 -24.63 -9.18
C GLY B 306 14.86 -24.82 -9.00
N ASP B 307 14.44 -25.57 -7.98
CA ASP B 307 13.04 -25.85 -7.72
C ASP B 307 12.50 -25.06 -6.53
N ALA B 308 13.21 -24.00 -6.12
CA ALA B 308 12.83 -23.27 -4.92
C ALA B 308 11.39 -22.78 -4.99
N ALA B 309 10.93 -22.36 -6.17
CA ALA B 309 9.56 -21.85 -6.30
C ALA B 309 8.53 -22.98 -6.25
N LEU B 310 8.93 -24.22 -6.46
CA LEU B 310 7.97 -25.34 -6.50
C LEU B 310 7.81 -25.91 -5.10
N THR B 311 7.06 -25.18 -4.29
CA THR B 311 6.99 -25.45 -2.85
C THR B 311 6.06 -26.61 -2.49
N GLU B 312 5.31 -27.17 -3.42
CA GLU B 312 4.35 -28.23 -3.11
C GLU B 312 4.89 -29.55 -3.64
N ARG B 313 5.32 -30.43 -2.74
CA ARG B 313 5.71 -31.77 -3.13
C ARG B 313 4.54 -32.75 -3.09
N SER B 314 3.51 -32.46 -2.31
CA SER B 314 2.33 -33.30 -2.19
C SER B 314 1.07 -32.44 -2.30
N PRO B 315 0.84 -31.83 -3.47
CA PRO B 315 -0.35 -30.99 -3.62
C PRO B 315 -1.62 -31.81 -3.47
N LYS B 316 -2.68 -31.14 -3.02
CA LYS B 316 -3.99 -31.76 -2.88
C LYS B 316 -5.01 -31.23 -3.86
N THR B 317 -4.76 -30.06 -4.47
CA THR B 317 -5.64 -29.48 -5.46
C THR B 317 -4.82 -29.10 -6.69
N GLY B 318 -5.52 -28.91 -7.81
CA GLY B 318 -4.84 -28.42 -9.01
C GLY B 318 -4.17 -27.07 -8.81
N GLU B 319 -4.77 -26.22 -7.97
CA GLU B 319 -4.17 -24.92 -7.66
C GLU B 319 -2.84 -25.09 -6.94
N GLU B 320 -2.81 -25.92 -5.89
CA GLU B 320 -1.53 -26.25 -5.28
C GLU B 320 -0.60 -26.93 -6.29
N GLY B 321 -1.18 -27.70 -7.22
CA GLY B 321 -0.36 -28.40 -8.20
C GLY B 321 0.34 -27.49 -9.18
N ARG B 322 -0.07 -26.23 -9.28
CA ARG B 322 0.66 -25.26 -10.11
C ARG B 322 2.10 -25.08 -9.63
N PHE B 323 2.38 -25.42 -8.38
CA PHE B 323 3.70 -25.25 -7.80
C PHE B 323 4.30 -26.59 -7.41
N SER B 324 3.88 -27.66 -8.12
CA SER B 324 4.34 -29.02 -7.86
C SER B 324 4.85 -29.64 -9.15
N VAL B 325 6.17 -29.87 -9.24
CA VAL B 325 6.69 -30.59 -10.38
C VAL B 325 6.12 -32.01 -10.42
N GLU B 326 5.83 -32.58 -9.25
CA GLU B 326 5.30 -33.93 -9.19
C GLU B 326 3.95 -34.01 -9.89
N TYR B 327 3.04 -33.08 -9.57
CA TYR B 327 1.72 -33.10 -10.20
C TYR B 327 1.82 -32.85 -11.70
N VAL B 328 2.66 -31.89 -12.11
CA VAL B 328 2.79 -31.59 -13.54
C VAL B 328 3.19 -32.85 -14.31
N ILE B 329 4.17 -33.58 -13.77
CA ILE B 329 4.64 -34.78 -14.46
C ILE B 329 3.60 -35.89 -14.38
N ALA B 330 2.99 -36.08 -13.20
CA ALA B 330 2.02 -37.16 -13.04
C ALA B 330 0.80 -36.93 -13.94
N LEU B 331 0.37 -35.67 -14.06
CA LEU B 331 -0.76 -35.35 -14.92
C LEU B 331 -0.50 -35.74 -16.36
N ALA B 332 0.67 -35.38 -16.88
CA ALA B 332 1.02 -35.76 -18.25
C ALA B 332 1.12 -37.27 -18.40
N LEU B 333 1.75 -37.94 -17.43
CA LEU B 333 1.91 -39.39 -17.52
C LEU B 333 0.56 -40.10 -17.59
N HIS B 334 -0.46 -39.54 -16.94
CA HIS B 334 -1.80 -40.10 -17.00
C HIS B 334 -2.54 -39.71 -18.26
N GLY B 335 -1.86 -39.09 -19.23
CA GLY B 335 -2.45 -38.76 -20.51
C GLY B 335 -3.29 -37.49 -20.54
N HIS B 336 -3.22 -36.64 -19.52
CA HIS B 336 -4.01 -35.41 -19.52
C HIS B 336 -3.21 -34.25 -20.09
N GLY B 337 -3.93 -33.32 -20.73
CA GLY B 337 -3.29 -32.10 -21.19
C GLY B 337 -2.87 -31.23 -20.01
N LEU B 338 -1.73 -30.52 -20.19
CA LEU B 338 -1.22 -29.59 -19.19
C LEU B 338 -1.93 -28.25 -19.41
N THR B 339 -3.21 -28.23 -19.05
CA THR B 339 -4.14 -27.19 -19.47
C THR B 339 -4.81 -26.57 -18.24
N VAL B 340 -5.54 -25.47 -18.48
CA VAL B 340 -6.16 -24.68 -17.42
C VAL B 340 -7.07 -25.53 -16.54
N GLU B 341 -7.89 -26.39 -17.16
CA GLU B 341 -8.90 -27.09 -16.38
C GLU B 341 -8.31 -28.03 -15.34
N HIS B 342 -7.05 -28.43 -15.47
CA HIS B 342 -6.43 -29.32 -14.49
C HIS B 342 -5.65 -28.58 -13.41
N PHE B 343 -5.73 -27.25 -13.36
CA PHE B 343 -4.99 -26.51 -12.33
C PHE B 343 -5.91 -25.62 -11.51
N SER B 344 -7.18 -26.04 -11.38
CA SER B 344 -8.17 -25.32 -10.58
C SER B 344 -8.14 -25.80 -9.13
N SER B 345 -9.04 -25.26 -8.32
CA SER B 345 -9.11 -25.63 -6.91
C SER B 345 -9.71 -27.01 -6.67
N GLN B 346 -10.21 -27.67 -7.70
CA GLN B 346 -10.79 -29.01 -7.54
C GLN B 346 -9.72 -30.00 -7.06
N PRO B 347 -10.10 -31.00 -6.27
CA PRO B 347 -9.11 -31.94 -5.74
C PRO B 347 -8.42 -32.76 -6.82
N ILE B 348 -7.21 -33.21 -6.51
CA ILE B 348 -6.46 -34.10 -7.39
C ILE B 348 -6.93 -35.54 -7.17
N PRO B 349 -7.28 -36.27 -8.22
CA PRO B 349 -7.77 -37.65 -8.03
C PRO B 349 -6.75 -38.55 -7.37
N ASN B 350 -7.27 -39.62 -6.74
CA ASN B 350 -6.42 -40.52 -5.97
C ASN B 350 -5.39 -41.21 -6.86
N GLY B 351 -5.77 -41.56 -8.09
CA GLY B 351 -4.82 -42.20 -8.99
C GLY B 351 -3.61 -41.35 -9.28
N ILE B 352 -3.81 -40.04 -9.47
CA ILE B 352 -2.68 -39.17 -9.76
C ILE B 352 -1.85 -38.94 -8.50
N GLN B 353 -2.50 -38.86 -7.33
CA GLN B 353 -1.75 -38.70 -6.09
C GLN B 353 -0.83 -39.88 -5.86
N THR B 354 -1.28 -41.09 -6.19
CA THR B 354 -0.40 -42.25 -6.09
C THR B 354 0.82 -42.11 -6.99
N THR B 355 0.61 -41.68 -8.23
CA THR B 355 1.75 -41.46 -9.12
C THR B 355 2.68 -40.36 -8.59
N ILE B 356 2.11 -39.34 -7.95
CA ILE B 356 2.90 -38.26 -7.35
C ILE B 356 3.86 -38.82 -6.30
N GLY B 357 3.42 -39.82 -5.54
CA GLY B 357 4.29 -40.43 -4.56
C GLY B 357 5.47 -41.21 -5.14
N HIS B 358 5.45 -41.51 -6.43
CA HIS B 358 6.55 -42.19 -7.09
C HIS B 358 7.44 -41.24 -7.89
N ILE B 359 7.37 -39.94 -7.63
CA ILE B 359 8.21 -38.95 -8.29
C ILE B 359 9.07 -38.29 -7.24
N GLN B 360 10.40 -38.31 -7.44
CA GLN B 360 11.34 -37.74 -6.47
C GLN B 360 12.27 -36.72 -7.12
N ARG B 361 12.62 -35.70 -6.34
CA ARG B 361 13.53 -34.64 -6.78
C ARG B 361 14.94 -34.93 -6.27
N VAL B 362 15.93 -34.78 -7.15
CA VAL B 362 17.33 -34.89 -6.76
C VAL B 362 18.09 -33.71 -7.35
N TYR B 363 19.27 -33.46 -6.80
CA TYR B 363 19.98 -32.22 -7.06
C TYR B 363 21.38 -32.49 -7.57
N ASP B 364 21.73 -31.86 -8.69
CA ASP B 364 22.96 -32.11 -9.43
C ASP B 364 23.72 -30.79 -9.52
N ASN B 365 24.80 -30.68 -8.75
CA ASN B 365 25.61 -29.47 -8.66
C ASN B 365 26.73 -29.41 -9.69
N ALA B 366 26.88 -30.45 -10.51
CA ALA B 366 27.99 -30.56 -11.45
C ALA B 366 27.60 -30.26 -12.89
N THR B 367 26.42 -30.72 -13.31
CA THR B 367 25.96 -30.48 -14.67
C THR B 367 25.92 -28.98 -14.95
N GLN B 368 26.50 -28.57 -16.08
CA GLN B 368 26.57 -27.15 -16.41
C GLN B 368 25.32 -26.73 -17.18
N PRO B 369 24.57 -25.74 -16.71
CA PRO B 369 23.41 -25.26 -17.47
C PRO B 369 23.83 -24.72 -18.82
N ALA B 370 22.94 -24.84 -19.81
CA ALA B 370 23.24 -24.37 -21.15
C ALA B 370 23.36 -22.84 -21.16
N PRO B 371 24.16 -22.28 -22.08
CA PRO B 371 24.35 -20.82 -22.07
C PRO B 371 23.07 -20.05 -22.34
N HIS B 372 22.11 -20.67 -23.03
CA HIS B 372 20.84 -20.02 -23.34
C HIS B 372 19.74 -20.37 -22.35
N ALA B 373 20.08 -20.96 -21.20
CA ALA B 373 19.06 -21.38 -20.25
C ALA B 373 18.25 -20.19 -19.77
N VAL B 374 16.97 -20.43 -19.46
CA VAL B 374 16.10 -19.41 -18.89
C VAL B 374 15.37 -20.02 -17.70
N PRO B 375 15.48 -19.42 -16.49
CA PRO B 375 16.41 -18.35 -16.15
C PRO B 375 17.86 -18.83 -16.23
N LYS B 376 18.84 -17.93 -16.26
CA LYS B 376 20.22 -18.37 -16.36
C LYS B 376 20.54 -19.33 -15.22
N GLY B 377 21.32 -20.37 -15.53
CA GLY B 377 21.66 -21.38 -14.55
C GLY B 377 20.62 -22.45 -14.30
N ARG B 378 19.49 -22.43 -15.00
CA ARG B 378 18.39 -23.36 -14.71
C ARG B 378 18.30 -24.47 -15.74
N PHE B 379 18.07 -25.70 -15.26
CA PHE B 379 17.69 -26.80 -16.14
C PHE B 379 16.81 -27.76 -15.36
N THR B 380 16.23 -28.71 -16.06
CA THR B 380 15.59 -29.84 -15.42
C THR B 380 15.75 -31.06 -16.31
N ILE B 381 16.10 -32.18 -15.70
CA ILE B 381 16.16 -33.47 -16.38
C ILE B 381 15.06 -34.33 -15.78
N VAL B 382 14.29 -35.00 -16.63
CA VAL B 382 13.29 -35.98 -16.19
C VAL B 382 13.80 -37.34 -16.61
N ARG B 383 13.92 -38.25 -15.64
CA ARG B 383 14.39 -39.61 -15.89
C ARG B 383 13.29 -40.56 -15.46
N ALA B 384 12.85 -41.43 -16.38
CA ALA B 384 11.77 -42.38 -16.14
C ALA B 384 12.34 -43.79 -16.06
N TYR B 385 11.85 -44.55 -15.08
CA TYR B 385 12.29 -45.93 -14.83
C TYR B 385 11.20 -46.88 -15.32
N LEU B 386 11.53 -47.73 -16.28
CA LEU B 386 10.59 -48.66 -16.90
C LEU B 386 10.86 -50.08 -16.38
N SER B 387 10.04 -51.03 -16.83
CA SER B 387 10.28 -52.42 -16.44
C SER B 387 11.67 -52.89 -16.86
N ASP B 388 12.19 -53.87 -16.13
CA ASP B 388 13.45 -54.54 -16.49
C ASP B 388 14.65 -53.59 -16.45
N GLY B 389 14.59 -52.58 -15.58
CA GLY B 389 15.73 -51.72 -15.35
C GLY B 389 16.03 -50.70 -16.43
N ARG B 390 15.17 -50.55 -17.44
CA ARG B 390 15.41 -49.56 -18.50
C ARG B 390 15.12 -48.14 -18.00
N ILE B 391 15.86 -47.17 -18.53
CA ILE B 391 15.60 -45.77 -18.24
C ILE B 391 15.58 -44.99 -19.55
N CYS B 392 14.88 -43.84 -19.53
CA CYS B 392 15.01 -42.83 -20.58
C CYS B 392 14.94 -41.45 -19.93
N GLU B 393 15.58 -40.49 -20.58
CA GLU B 393 15.81 -39.18 -19.98
C GLU B 393 15.62 -38.08 -21.01
N ALA B 394 15.19 -36.93 -20.53
CA ALA B 394 15.07 -35.74 -21.37
C ALA B 394 15.43 -34.53 -20.52
N ARG B 395 16.12 -33.58 -21.15
CA ARG B 395 16.63 -32.40 -20.47
C ARG B 395 16.13 -31.16 -21.17
N VAL B 396 15.74 -30.14 -20.39
CA VAL B 396 15.30 -28.85 -20.92
C VAL B 396 15.99 -27.75 -20.12
N ASP B 397 16.60 -26.80 -20.83
CA ASP B 397 17.17 -25.59 -20.24
C ASP B 397 16.42 -24.32 -20.62
N CYS B 398 15.86 -24.25 -21.83
CA CYS B 398 15.17 -23.06 -22.34
C CYS B 398 13.79 -23.50 -22.79
N PRO B 399 12.79 -23.39 -21.90
CA PRO B 399 11.46 -23.93 -22.22
C PRO B 399 10.79 -23.18 -23.36
N LYS B 400 9.87 -23.87 -24.02
CA LYS B 400 9.10 -23.25 -25.10
C LYS B 400 8.34 -22.03 -24.57
N GLY B 401 8.50 -20.90 -25.27
CA GLY B 401 7.94 -19.62 -24.85
C GLY B 401 8.94 -18.66 -24.20
N ALA B 402 10.06 -19.17 -23.70
CA ALA B 402 11.07 -18.31 -23.12
C ALA B 402 11.92 -17.70 -24.24
N PRO B 403 12.59 -16.58 -23.98
CA PRO B 403 13.52 -16.04 -24.97
C PRO B 403 14.55 -17.09 -25.36
N GLY B 404 14.80 -17.21 -26.67
CA GLY B 404 15.64 -18.26 -27.22
C GLY B 404 14.87 -19.45 -27.73
N ASN B 405 13.60 -19.58 -27.34
CA ASN B 405 12.74 -20.69 -27.72
C ASN B 405 11.32 -20.13 -27.85
N GLU B 406 11.19 -19.05 -28.62
CA GLU B 406 10.02 -18.20 -28.58
C GLU B 406 8.79 -18.88 -29.18
N LEU B 407 7.62 -18.40 -28.75
CA LEU B 407 6.35 -18.84 -29.34
C LEU B 407 6.28 -18.55 -30.82
N SER B 408 5.78 -19.50 -31.59
CA SER B 408 5.43 -19.28 -32.98
C SER B 408 4.11 -18.51 -33.08
N GLU B 409 3.81 -18.02 -34.30
CA GLU B 409 2.56 -17.32 -34.52
C GLU B 409 1.37 -18.23 -34.20
N GLU B 410 1.49 -19.50 -34.54
CA GLU B 410 0.42 -20.47 -34.24
C GLU B 410 0.24 -20.64 -32.74
N ASP B 411 1.35 -20.65 -31.98
CA ASP B 411 1.27 -20.76 -30.53
C ASP B 411 0.44 -19.61 -29.95
N ILE B 412 0.73 -18.38 -30.38
CA ILE B 412 0.02 -17.23 -29.85
C ILE B 412 -1.46 -17.31 -30.20
N ILE B 413 -1.76 -17.67 -31.45
CA ILE B 413 -3.16 -17.84 -31.87
C ILE B 413 -3.83 -18.91 -31.03
N GLU B 414 -3.12 -20.02 -30.79
CA GLU B 414 -3.68 -21.11 -30.01
C GLU B 414 -4.03 -20.66 -28.60
N LYS B 415 -3.13 -19.90 -27.96
CA LYS B 415 -3.42 -19.43 -26.61
C LYS B 415 -4.59 -18.46 -26.62
N LEU B 416 -4.71 -17.64 -27.67
CA LEU B 416 -5.81 -16.69 -27.76
C LEU B 416 -7.14 -17.38 -28.02
N THR B 417 -7.16 -18.49 -28.75
CA THR B 417 -8.41 -19.13 -29.11
C THR B 417 -8.85 -20.19 -28.10
N LEU B 418 -8.16 -20.33 -26.97
CA LEU B 418 -8.66 -21.16 -25.89
C LEU B 418 -10.09 -20.79 -25.55
N THR B 419 -10.45 -19.54 -25.81
CA THR B 419 -11.64 -18.96 -25.24
C THR B 419 -12.53 -18.29 -26.29
N VAL B 420 -11.94 -17.84 -27.41
CA VAL B 420 -12.69 -17.09 -28.41
C VAL B 420 -12.53 -17.74 -29.78
N PRO B 421 -13.43 -17.44 -30.71
CA PRO B 421 -13.29 -17.98 -32.07
C PRO B 421 -12.05 -17.44 -32.78
N GLN B 422 -11.68 -18.15 -33.84
CA GLN B 422 -10.54 -17.78 -34.66
C GLN B 422 -10.66 -16.34 -35.15
N GLU B 423 -11.86 -15.94 -35.59
CA GLU B 423 -12.06 -14.60 -36.14
C GLU B 423 -11.80 -13.53 -35.09
N LYS B 424 -12.30 -13.74 -33.87
CA LYS B 424 -12.06 -12.80 -32.77
C LYS B 424 -10.58 -12.64 -32.48
N ALA B 425 -9.85 -13.75 -32.35
CA ALA B 425 -8.42 -13.67 -32.10
C ALA B 425 -7.71 -12.95 -33.24
N ARG B 426 -8.11 -13.21 -34.49
CA ARG B 426 -7.49 -12.53 -35.63
C ARG B 426 -7.75 -11.02 -35.60
N ARG B 427 -8.96 -10.60 -35.24
CA ARG B 427 -9.23 -9.17 -35.17
C ARG B 427 -8.37 -8.52 -34.09
N ILE B 428 -8.15 -9.21 -32.98
CA ILE B 428 -7.31 -8.66 -31.92
C ILE B 428 -5.86 -8.55 -32.39
N ILE B 429 -5.37 -9.58 -33.09
CA ILE B 429 -4.00 -9.57 -33.58
C ILE B 429 -3.80 -8.43 -34.57
N THR B 430 -4.75 -8.24 -35.50
CA THR B 430 -4.62 -7.17 -36.47
C THR B 430 -4.61 -5.79 -35.79
N ALA B 431 -5.49 -5.60 -34.81
CA ALA B 431 -5.49 -4.33 -34.09
C ALA B 431 -4.15 -4.06 -33.44
N VAL B 432 -3.56 -5.08 -32.81
CA VAL B 432 -2.26 -4.92 -32.17
C VAL B 432 -1.17 -4.71 -33.20
N GLU B 433 -1.18 -5.48 -34.29
CA GLU B 433 -0.16 -5.32 -35.32
C GLU B 433 -0.18 -3.91 -35.91
N LYS B 434 -1.35 -3.32 -36.04
CA LYS B 434 -1.48 -1.96 -36.55
C LYS B 434 -1.28 -0.90 -35.46
N ALA B 435 -1.04 -1.32 -34.22
CA ALA B 435 -0.89 -0.40 -33.09
C ALA B 435 -2.15 0.43 -32.88
N ASP B 436 -3.30 -0.13 -33.26
CA ASP B 436 -4.59 0.53 -33.08
C ASP B 436 -5.11 0.13 -31.72
N ILE B 437 -4.72 0.93 -30.71
CA ILE B 437 -5.02 0.59 -29.32
C ILE B 437 -6.50 0.78 -29.02
N LYS B 438 -7.12 1.82 -29.60
CA LYS B 438 -8.57 1.97 -29.40
C LYS B 438 -9.33 0.75 -29.91
N GLU B 439 -8.94 0.24 -31.08
CA GLU B 439 -9.59 -0.97 -31.59
C GLU B 439 -9.28 -2.18 -30.72
N PHE B 440 -8.05 -2.27 -30.22
CA PHE B 440 -7.67 -3.34 -29.30
C PHE B 440 -8.52 -3.30 -28.03
N LEU B 441 -8.71 -2.12 -27.44
CA LEU B 441 -9.54 -1.99 -26.25
C LEU B 441 -10.98 -2.39 -26.52
N ALA B 442 -11.50 -2.05 -27.71
CA ALA B 442 -12.86 -2.45 -28.04
C ALA B 442 -12.99 -3.98 -28.12
N HIS B 443 -12.02 -4.65 -28.72
CA HIS B 443 -12.15 -6.10 -28.92
C HIS B 443 -11.93 -6.91 -27.64
N ILE B 444 -11.16 -6.42 -26.67
CA ILE B 444 -10.85 -7.27 -25.51
C ILE B 444 -11.90 -7.20 -24.42
N GLU B 445 -12.90 -6.33 -24.56
CA GLU B 445 -13.99 -6.33 -23.58
C GLU B 445 -14.75 -7.65 -23.61
N LEU B 446 -14.79 -8.33 -24.74
CA LEU B 446 -15.35 -9.69 -24.69
C LEU B 446 -14.43 -10.78 -25.24
#